data_2PT6
#
_entry.id   2PT6
#
_cell.length_a   196.300
_cell.length_b   134.180
_cell.length_c   48.320
_cell.angle_alpha   90.00
_cell.angle_beta   94.38
_cell.angle_gamma   90.00
#
_symmetry.space_group_name_H-M   'C 1 2 1'
#
loop_
_entity.id
_entity.type
_entity.pdbx_description
1 polymer 'Spermidine synthase'
2 non-polymer "5'-[(S)-(3-AMINOPROPYL)(METHYL)-LAMBDA~4~-SULFANYL]-5'-DEOXYADENOSINE"
3 non-polymer 2-(2-{2-[2-(2-METHOXY-ETHOXY)-ETHOXY]-ETHOXY}-ETHOXY)-ETHANOL
4 non-polymer GLYCEROL
5 water water
#
_entity_poly.entity_id   1
_entity_poly.type   'polypeptide(L)'
_entity_poly.pdbx_seq_one_letter_code
;MDKLISNNKLKLSVVLLGGLCSLAYYHLKNKFHLSQFCFSKKWFSEFSIMWPGQAFSLKIKKILYETKSKYQNVLVFEST
TYGKVLVLDGVIQLTEKDEFAYHEMMTHVPMTVSKEPKNVLVVGGGDGGIIRELCKYKSVENIDICEIDETVIEVSKIYF
KNISCGYEDKRVNVFIEDASKFLENVTNTYDVIIVDSSDPIGPAETLFNQNFYEKIYNALKPNGYCVAQCESLWIHVGTI
KNMIGYAKKLFKKVEYANISIPTYPCGCIGILCCSKTDTGLTKPNKKLESKEFADLKYYNYENHSAAFKLPAFLLKEIEN
I
;
_entity_poly.pdbx_strand_id   A,B,C
#
loop_
_chem_comp.id
_chem_comp.type
_chem_comp.name
_chem_comp.formula
1PG non-polymer 2-(2-{2-[2-(2-METHOXY-ETHOXY)-ETHOXY]-ETHOXY}-ETHOXY)-ETHANOL 'C11 H24 O6'
GOL non-polymer GLYCEROL 'C3 H8 O3'
S4M non-polymer 5'-[(S)-(3-AMINOPROPYL)(METHYL)-LAMBDA~4~-SULFANYL]-5'-DEOXYADENOSINE 'C14 H24 N6 O3 S'
#
# COMPACT_ATOMS: atom_id res chain seq x y z
N LYS A 41 3.20 27.76 -18.89
CA LYS A 41 3.21 27.67 -17.40
C LYS A 41 2.00 28.35 -16.77
N LYS A 42 1.37 27.68 -15.81
CA LYS A 42 0.19 28.20 -15.11
C LYS A 42 0.61 29.12 -13.95
N TRP A 43 -0.38 29.76 -13.32
CA TRP A 43 -0.15 30.70 -12.22
C TRP A 43 -1.04 30.33 -11.05
N PHE A 44 -0.49 30.45 -9.83
CA PHE A 44 -1.31 30.38 -8.63
C PHE A 44 -1.75 31.77 -8.22
N SER A 45 -3.05 31.94 -7.93
CA SER A 45 -3.60 33.24 -7.55
C SER A 45 -4.30 33.16 -6.21
N GLU A 46 -3.95 34.10 -5.33
CA GLU A 46 -4.45 34.09 -3.95
C GLU A 46 -5.64 35.05 -3.78
N PHE A 47 -6.85 34.51 -3.87
CA PHE A 47 -8.06 35.30 -3.62
C PHE A 47 -8.61 34.98 -2.24
N SER A 48 -9.35 35.92 -1.66
CA SER A 48 -9.95 35.73 -0.34
C SER A 48 -10.94 36.82 -0.04
N ILE A 49 -12.02 36.47 0.64
CA ILE A 49 -12.96 37.44 1.19
C ILE A 49 -12.30 38.31 2.28
N MET A 50 -11.22 37.81 2.87
CA MET A 50 -10.48 38.54 3.90
C MET A 50 -9.69 39.73 3.32
N TRP A 51 -9.38 39.68 2.02
CA TRP A 51 -8.81 40.83 1.29
C TRP A 51 -9.51 41.04 -0.07
N PRO A 52 -10.76 41.53 -0.05
CA PRO A 52 -11.56 41.61 -1.27
C PRO A 52 -10.97 42.59 -2.30
N GLY A 53 -11.09 42.26 -3.58
CA GLY A 53 -10.75 43.19 -4.63
C GLY A 53 -9.28 43.23 -4.98
N GLN A 54 -8.49 42.35 -4.38
CA GLN A 54 -7.05 42.29 -4.67
C GLN A 54 -6.60 40.85 -4.73
N ALA A 55 -5.54 40.56 -5.48
CA ALA A 55 -5.00 39.22 -5.51
C ALA A 55 -3.51 39.27 -5.83
N PHE A 56 -2.75 38.36 -5.24
CA PHE A 56 -1.34 38.21 -5.55
C PHE A 56 -1.18 36.87 -6.23
N SER A 57 -0.33 36.80 -7.25
CA SER A 57 -0.17 35.58 -8.04
C SER A 57 1.30 35.26 -8.21
N LEU A 58 1.61 33.96 -8.22
CA LEU A 58 2.95 33.47 -8.48
C LEU A 58 2.88 32.45 -9.60
N LYS A 59 3.88 32.50 -10.47
CA LYS A 59 3.95 31.59 -11.59
C LYS A 59 4.44 30.24 -11.08
N ILE A 60 3.79 29.17 -11.52
CA ILE A 60 4.09 27.82 -11.08
C ILE A 60 5.12 27.20 -12.01
N LYS A 61 6.23 26.74 -11.45
CA LYS A 61 7.17 25.92 -12.21
C LYS A 61 6.71 24.45 -12.22
N LYS A 62 6.38 23.91 -11.04
CA LYS A 62 5.75 22.59 -10.95
C LYS A 62 5.05 22.35 -9.61
N ILE A 63 3.91 21.68 -9.69
CA ILE A 63 3.17 21.28 -8.51
C ILE A 63 3.92 20.09 -7.90
N LEU A 64 4.10 20.11 -6.58
CA LEU A 64 4.87 19.08 -5.90
C LEU A 64 3.97 18.14 -5.09
N TYR A 65 2.95 18.70 -4.46
CA TYR A 65 2.10 17.91 -3.57
C TYR A 65 0.80 18.62 -3.33
N GLU A 66 -0.28 17.85 -3.29
CA GLU A 66 -1.62 18.34 -3.02
C GLU A 66 -2.41 17.29 -2.27
N THR A 67 -3.10 17.73 -1.21
CA THR A 67 -3.99 16.87 -0.44
C THR A 67 -5.04 17.68 0.34
N LYS A 68 -6.12 17.00 0.73
CA LYS A 68 -7.09 17.55 1.66
C LYS A 68 -6.88 16.85 3.00
N SER A 69 -6.33 17.56 3.99
CA SER A 69 -6.09 16.92 5.28
C SER A 69 -7.39 16.97 6.06
N LYS A 70 -7.34 16.53 7.31
CA LYS A 70 -8.48 16.59 8.20
C LYS A 70 -8.94 18.03 8.46
N TYR A 71 -8.05 19.00 8.31
CA TYR A 71 -8.36 20.39 8.65
C TYR A 71 -8.40 21.35 7.47
N GLN A 72 -7.61 21.10 6.43
CA GLN A 72 -7.45 22.07 5.36
C GLN A 72 -6.91 21.48 4.08
N ASN A 73 -7.03 22.23 2.98
CA ASN A 73 -6.38 21.87 1.73
C ASN A 73 -4.92 22.26 1.78
N VAL A 74 -4.06 21.36 1.34
CA VAL A 74 -2.64 21.60 1.42
C VAL A 74 -2.13 21.58 -0.01
N LEU A 75 -1.33 22.59 -0.38
CA LEU A 75 -0.68 22.66 -1.69
C LEU A 75 0.79 23.11 -1.59
N VAL A 76 1.69 22.35 -2.23
CA VAL A 76 3.12 22.71 -2.33
C VAL A 76 3.47 22.81 -3.82
N PHE A 77 4.04 23.95 -4.20
CA PHE A 77 4.54 24.06 -5.55
C PHE A 77 5.90 24.74 -5.59
N GLU A 78 6.63 24.46 -6.65
CA GLU A 78 7.85 25.20 -6.93
C GLU A 78 7.43 26.37 -7.82
N SER A 79 7.62 27.59 -7.33
CA SER A 79 7.36 28.78 -8.12
C SER A 79 8.57 29.03 -9.04
N THR A 80 8.42 29.93 -10.02
CA THR A 80 9.53 30.24 -10.91
C THR A 80 10.55 31.15 -10.23
N THR A 81 10.10 32.03 -9.33
CA THR A 81 11.02 33.02 -8.76
C THR A 81 11.05 33.14 -7.22
N TYR A 82 10.10 32.50 -6.53
CA TYR A 82 10.07 32.58 -5.07
C TYR A 82 10.47 31.26 -4.38
N GLY A 83 10.99 30.34 -5.19
CA GLY A 83 11.25 28.96 -4.73
C GLY A 83 9.96 28.25 -4.34
N LYS A 84 10.08 27.32 -3.39
CA LYS A 84 8.97 26.46 -3.00
C LYS A 84 7.98 27.24 -2.15
N VAL A 85 6.71 26.89 -2.30
CA VAL A 85 5.61 27.65 -1.72
C VAL A 85 4.65 26.70 -1.03
N LEU A 86 4.29 27.00 0.21
CA LEU A 86 3.25 26.27 0.89
C LEU A 86 1.98 27.10 0.93
N VAL A 87 0.88 26.45 0.56
CA VAL A 87 -0.44 27.06 0.47
C VAL A 87 -1.41 26.23 1.32
N LEU A 88 -2.15 26.89 2.19
CA LEU A 88 -3.13 26.21 3.02
C LEU A 88 -4.45 26.91 2.81
N ASP A 89 -5.44 26.14 2.39
CA ASP A 89 -6.77 26.64 2.05
C ASP A 89 -6.71 27.85 1.12
N GLY A 90 -5.84 27.79 0.11
CA GLY A 90 -5.75 28.83 -0.90
C GLY A 90 -4.98 30.07 -0.47
N VAL A 91 -4.36 30.04 0.70
CA VAL A 91 -3.63 31.20 1.23
C VAL A 91 -2.14 30.84 1.32
N ILE A 92 -1.26 31.69 0.78
CA ILE A 92 0.17 31.49 0.87
C ILE A 92 0.61 31.59 2.34
N GLN A 93 1.27 30.54 2.81
CA GLN A 93 1.73 30.45 4.20
C GLN A 93 3.20 30.75 4.31
N LEU A 94 3.95 30.38 3.28
CA LEU A 94 5.36 30.72 3.21
C LEU A 94 5.95 30.45 1.84
N THR A 95 7.03 31.16 1.53
CA THR A 95 7.86 30.84 0.39
C THR A 95 9.31 30.83 0.85
N GLU A 96 10.12 30.05 0.16
CA GLU A 96 11.54 30.00 0.46
C GLU A 96 12.22 31.36 0.39
N LYS A 97 11.78 32.21 -0.53
CA LYS A 97 12.44 33.50 -0.79
C LYS A 97 12.40 34.47 0.38
N ASP A 98 11.25 34.58 1.02
CA ASP A 98 11.07 35.62 2.02
C ASP A 98 10.72 35.14 3.42
N GLU A 99 10.56 33.82 3.63
CA GLU A 99 10.10 33.29 4.95
C GLU A 99 10.94 33.79 6.14
N PHE A 100 12.23 33.99 5.92
CA PHE A 100 13.14 34.41 6.98
C PHE A 100 12.72 35.73 7.63
N ALA A 101 12.00 36.58 6.89
CA ALA A 101 11.64 37.91 7.37
C ALA A 101 10.62 37.76 8.50
N TYR A 102 9.59 36.96 8.24
CA TYR A 102 8.57 36.66 9.23
C TYR A 102 9.10 35.83 10.40
N HIS A 103 9.80 34.75 10.12
CA HIS A 103 10.30 33.88 11.19
C HIS A 103 11.36 34.55 12.10
N GLU A 104 12.31 35.28 11.50
CA GLU A 104 13.29 36.03 12.31
C GLU A 104 12.64 37.08 13.22
N MET A 105 11.73 37.91 12.68
CA MET A 105 11.11 38.98 13.49
C MET A 105 10.20 38.44 14.57
N MET A 106 9.40 37.45 14.23
CA MET A 106 8.53 36.82 15.22
C MET A 106 9.31 36.17 16.35
N THR A 107 10.51 35.65 16.05
CA THR A 107 11.27 34.94 17.07
C THR A 107 12.20 35.86 17.82
N HIS A 108 13.01 36.62 17.09
CA HIS A 108 14.07 37.38 17.71
C HIS A 108 13.62 38.64 18.42
N VAL A 109 12.42 39.12 18.11
CA VAL A 109 11.85 40.21 18.87
C VAL A 109 11.64 39.80 20.36
N PRO A 110 10.78 38.78 20.64
CA PRO A 110 10.61 38.43 22.05
C PRO A 110 11.85 37.77 22.68
N MET A 111 12.64 37.05 21.88
CA MET A 111 13.74 36.27 22.45
C MET A 111 14.95 37.14 22.84
N THR A 112 15.08 38.32 22.24
CA THR A 112 16.15 39.25 22.63
C THR A 112 15.74 40.12 23.80
N VAL A 113 14.43 40.18 24.07
CA VAL A 113 13.91 40.95 25.21
C VAL A 113 13.89 40.09 26.48
N SER A 114 13.43 38.85 26.35
CA SER A 114 13.45 37.89 27.46
C SER A 114 14.89 37.66 27.85
N LYS A 115 15.17 37.78 29.15
CA LYS A 115 16.57 37.75 29.63
C LYS A 115 17.24 36.37 29.48
N GLU A 116 16.61 35.34 30.05
CA GLU A 116 17.14 33.99 29.95
C GLU A 116 16.00 32.99 29.74
N PRO A 117 15.35 33.03 28.56
CA PRO A 117 14.17 32.17 28.33
C PRO A 117 14.59 30.71 28.30
N LYS A 118 13.88 29.85 29.03
CA LYS A 118 14.24 28.43 29.12
C LYS A 118 13.20 27.52 28.48
N ASN A 119 11.95 27.94 28.56
CA ASN A 119 10.83 27.19 28.01
C ASN A 119 10.00 28.10 27.09
N VAL A 120 9.88 27.69 25.83
CA VAL A 120 9.18 28.46 24.83
C VAL A 120 8.11 27.57 24.20
N LEU A 121 6.95 28.15 23.91
CA LEU A 121 5.88 27.46 23.21
C LEU A 121 5.63 28.12 21.85
N VAL A 122 5.45 27.29 20.83
CA VAL A 122 4.94 27.77 19.55
C VAL A 122 3.55 27.24 19.31
N VAL A 123 2.63 28.13 19.03
CA VAL A 123 1.27 27.75 18.66
C VAL A 123 1.19 27.84 17.13
N GLY A 124 0.82 26.74 16.48
CA GLY A 124 0.79 26.69 15.03
C GLY A 124 2.22 26.44 14.59
N GLY A 125 2.66 27.10 13.54
CA GLY A 125 4.08 27.01 13.10
C GLY A 125 4.58 25.64 12.65
N GLY A 126 3.66 24.80 12.17
CA GLY A 126 3.95 23.41 11.77
C GLY A 126 5.12 23.27 10.80
N ASP A 127 5.32 24.28 9.96
CA ASP A 127 6.48 24.31 9.06
C ASP A 127 7.85 24.26 9.76
N GLY A 128 7.89 24.72 11.01
CA GLY A 128 9.13 24.73 11.79
C GLY A 128 10.10 25.91 11.67
N GLY A 129 9.74 26.93 10.88
CA GLY A 129 10.57 28.15 10.79
C GLY A 129 10.85 28.81 12.14
N ILE A 130 9.83 29.03 12.95
CA ILE A 130 10.07 29.60 14.28
C ILE A 130 11.02 28.72 15.10
N ILE A 131 10.70 27.42 15.16
CA ILE A 131 11.53 26.45 15.87
C ILE A 131 12.98 26.52 15.38
N ARG A 132 13.18 26.64 14.06
CA ARG A 132 14.55 26.77 13.52
C ARG A 132 15.30 27.98 14.14
N GLU A 133 14.59 29.10 14.35
CA GLU A 133 15.20 30.30 14.91
C GLU A 133 15.41 30.16 16.41
N LEU A 134 14.47 29.48 17.08
CA LEU A 134 14.57 29.21 18.52
C LEU A 134 15.75 28.32 18.91
N CYS A 135 16.07 27.34 18.07
CA CYS A 135 17.18 26.42 18.34
C CYS A 135 18.54 27.11 18.38
N LYS A 136 18.61 28.31 17.83
CA LYS A 136 19.85 29.10 17.80
C LYS A 136 20.24 29.59 19.20
N TYR A 137 19.27 29.64 20.10
CA TYR A 137 19.43 30.06 21.48
C TYR A 137 19.86 28.89 22.40
N LYS A 138 21.12 28.90 22.82
CA LYS A 138 21.68 27.84 23.68
C LYS A 138 21.08 27.81 25.09
N SER A 139 20.58 28.95 25.57
CA SER A 139 19.90 29.01 26.88
C SER A 139 18.57 28.26 26.93
N VAL A 140 17.96 28.07 25.76
CA VAL A 140 16.67 27.42 25.68
C VAL A 140 16.86 25.94 26.07
N GLU A 141 16.02 25.47 27.00
CA GLU A 141 16.07 24.07 27.45
C GLU A 141 14.96 23.20 26.84
N ASN A 142 13.84 23.83 26.47
CA ASN A 142 12.69 23.13 25.92
C ASN A 142 11.91 24.00 24.96
N ILE A 143 11.49 23.43 23.85
CA ILE A 143 10.55 24.08 22.92
C ILE A 143 9.36 23.14 22.68
N ASP A 144 8.20 23.55 23.13
CA ASP A 144 6.98 22.84 22.80
C ASP A 144 6.39 23.47 21.54
N ILE A 145 5.88 22.65 20.63
CA ILE A 145 5.09 23.19 19.54
C ILE A 145 3.75 22.50 19.54
N CYS A 146 2.69 23.29 19.47
CA CYS A 146 1.37 22.75 19.40
C CYS A 146 0.74 23.06 18.03
N GLU A 147 0.72 22.06 17.15
CA GLU A 147 0.21 22.21 15.79
C GLU A 147 -0.96 21.23 15.59
N ILE A 148 -2.10 21.74 15.14
CA ILE A 148 -3.31 20.94 14.98
C ILE A 148 -3.21 19.90 13.84
N ASP A 149 -2.42 20.22 12.81
CA ASP A 149 -2.45 19.46 11.56
C ASP A 149 -1.08 18.82 11.30
N GLU A 150 -0.96 17.53 11.63
CA GLU A 150 0.31 16.85 11.47
C GLU A 150 0.74 16.74 10.02
N THR A 151 -0.20 16.84 9.10
CA THR A 151 0.12 16.86 7.66
C THR A 151 1.07 18.03 7.35
N VAL A 152 0.82 19.19 7.95
CA VAL A 152 1.67 20.38 7.74
C VAL A 152 3.12 20.08 8.10
N ILE A 153 3.32 19.47 9.28
CA ILE A 153 4.66 19.12 9.76
C ILE A 153 5.36 18.13 8.82
N GLU A 154 4.64 17.08 8.45
CA GLU A 154 5.17 16.04 7.59
C GLU A 154 5.52 16.58 6.22
N VAL A 155 4.65 17.40 5.63
CA VAL A 155 4.93 18.08 4.34
C VAL A 155 6.14 19.02 4.41
N SER A 156 6.28 19.73 5.53
CA SER A 156 7.44 20.57 5.75
C SER A 156 8.74 19.78 5.89
N LYS A 157 8.67 18.67 6.63
CA LYS A 157 9.86 17.81 6.78
C LYS A 157 10.34 17.22 5.45
N ILE A 158 9.41 16.99 4.54
CA ILE A 158 9.76 16.43 3.22
C ILE A 158 10.20 17.53 2.23
N TYR A 159 9.38 18.55 2.10
CA TYR A 159 9.54 19.54 1.02
C TYR A 159 10.33 20.79 1.40
N PHE A 160 10.41 21.10 2.69
CA PHE A 160 11.01 22.35 3.14
C PHE A 160 12.11 22.10 4.17
N LYS A 161 13.13 21.33 3.79
CA LYS A 161 14.12 20.83 4.74
C LYS A 161 14.96 21.93 5.39
N ASN A 162 15.11 23.07 4.72
CA ASN A 162 15.82 24.22 5.32
C ASN A 162 14.95 25.06 6.25
N ILE A 163 13.67 24.72 6.32
CA ILE A 163 12.73 25.39 7.23
C ILE A 163 12.45 24.48 8.42
N SER A 164 12.34 23.17 8.17
CA SER A 164 11.94 22.19 9.18
C SER A 164 13.11 21.47 9.88
N CYS A 165 14.32 21.96 9.67
CA CYS A 165 15.52 21.34 10.22
C CYS A 165 15.54 21.31 11.77
N GLY A 166 14.91 22.31 12.39
CA GLY A 166 14.82 22.40 13.85
C GLY A 166 14.17 21.20 14.54
N TYR A 167 13.33 20.45 13.81
CA TYR A 167 12.65 19.28 14.39
C TYR A 167 13.58 18.17 14.85
N GLU A 168 14.81 18.19 14.32
CA GLU A 168 15.87 17.27 14.68
C GLU A 168 16.46 17.58 16.06
N ASP A 169 16.11 18.74 16.62
CA ASP A 169 16.70 19.21 17.87
C ASP A 169 16.01 18.52 19.02
N LYS A 170 16.83 17.90 19.89
CA LYS A 170 16.33 17.10 21.01
C LYS A 170 15.47 17.88 22.01
N ARG A 171 15.60 19.20 22.00
CA ARG A 171 14.80 20.06 22.89
C ARG A 171 13.35 20.23 22.43
N VAL A 172 13.03 19.79 21.22
CA VAL A 172 11.73 20.07 20.60
C VAL A 172 10.72 18.97 20.89
N ASN A 173 9.56 19.36 21.40
CA ASN A 173 8.46 18.44 21.69
C ASN A 173 7.18 18.82 20.97
N VAL A 174 6.63 17.89 20.18
CA VAL A 174 5.49 18.16 19.30
C VAL A 174 4.18 17.63 19.87
N PHE A 175 3.15 18.48 19.86
CA PHE A 175 1.83 18.10 20.34
C PHE A 175 0.88 18.35 19.18
N ILE A 176 0.20 17.30 18.74
CA ILE A 176 -0.80 17.41 17.69
C ILE A 176 -2.16 17.60 18.34
N GLU A 177 -2.62 18.85 18.39
CA GLU A 177 -3.75 19.23 19.24
C GLU A 177 -4.20 20.63 18.84
N ASP A 178 -5.49 20.94 19.04
CA ASP A 178 -5.91 22.34 18.94
C ASP A 178 -5.23 23.14 20.06
N ALA A 179 -4.54 24.22 19.71
CA ALA A 179 -3.87 25.05 20.73
C ALA A 179 -4.88 25.52 21.78
N SER A 180 -6.12 25.74 21.36
CA SER A 180 -7.17 26.11 22.29
C SER A 180 -7.28 25.13 23.48
N LYS A 181 -7.21 23.84 23.17
CA LYS A 181 -7.27 22.77 24.19
C LYS A 181 -5.91 22.61 24.90
N PHE A 182 -4.83 22.64 24.14
CA PHE A 182 -3.51 22.55 24.71
C PHE A 182 -3.30 23.59 25.83
N LEU A 183 -3.72 24.84 25.59
CA LEU A 183 -3.54 25.96 26.53
C LEU A 183 -4.44 25.88 27.77
N GLU A 184 -5.60 25.26 27.64
CA GLU A 184 -6.44 24.98 28.81
C GLU A 184 -5.77 23.92 29.69
N ASN A 185 -5.07 22.94 29.08
CA ASN A 185 -4.55 21.76 29.80
C ASN A 185 -3.08 21.74 30.24
N VAL A 186 -2.27 22.65 29.68
CA VAL A 186 -0.84 22.59 29.92
C VAL A 186 -0.55 22.87 31.41
N THR A 187 0.42 22.15 31.96
CA THR A 187 0.81 22.31 33.36
C THR A 187 1.99 23.29 33.50
N ASN A 188 2.92 23.24 32.53
CA ASN A 188 4.05 24.16 32.48
C ASN A 188 3.61 25.59 32.18
N THR A 189 4.43 26.56 32.57
CA THR A 189 4.31 27.96 32.10
C THR A 189 5.55 28.30 31.29
N TYR A 190 5.43 29.25 30.37
CA TYR A 190 6.48 29.53 29.40
C TYR A 190 7.03 30.92 29.55
N ASP A 191 8.31 31.07 29.25
CA ASP A 191 8.95 32.37 29.19
C ASP A 191 8.47 33.19 28.00
N VAL A 192 8.23 32.51 26.87
CA VAL A 192 7.79 33.15 25.64
C VAL A 192 6.78 32.21 24.98
N ILE A 193 5.67 32.78 24.51
CA ILE A 193 4.72 32.10 23.62
C ILE A 193 4.67 32.84 22.28
N ILE A 194 4.92 32.11 21.19
CA ILE A 194 4.85 32.68 19.86
C ILE A 194 3.64 32.05 19.14
N VAL A 195 2.67 32.89 18.76
CA VAL A 195 1.49 32.42 18.08
C VAL A 195 1.62 32.62 16.57
N ASP A 196 2.01 31.54 15.90
CA ASP A 196 2.28 31.55 14.47
C ASP A 196 1.13 30.84 13.77
N SER A 197 -0.04 31.47 13.86
CA SER A 197 -1.28 30.94 13.32
C SER A 197 -1.44 31.32 11.85
N SER A 198 -2.29 30.57 11.16
CA SER A 198 -2.88 30.98 9.89
C SER A 198 -3.98 32.04 10.15
N ASP A 199 -4.80 32.32 9.13
CA ASP A 199 -5.87 33.33 9.23
C ASP A 199 -7.12 32.85 10.00
N PRO A 200 -7.97 33.80 10.47
CA PRO A 200 -9.21 33.50 11.23
C PRO A 200 -10.24 32.57 10.55
N ILE A 201 -10.10 32.35 9.25
CA ILE A 201 -10.94 31.39 8.53
C ILE A 201 -10.18 30.08 8.41
N GLY A 202 -10.73 29.02 8.98
CA GLY A 202 -10.08 27.71 9.05
C GLY A 202 -9.87 27.23 10.48
N PRO A 203 -8.89 26.32 10.69
CA PRO A 203 -8.58 25.82 12.04
C PRO A 203 -8.13 26.88 13.07
N ALA A 204 -7.61 28.03 12.61
CA ALA A 204 -7.14 29.11 13.48
C ALA A 204 -8.25 30.03 14.01
N GLU A 205 -9.49 29.66 13.73
CA GLU A 205 -10.67 30.38 14.20
C GLU A 205 -10.78 30.40 15.72
N THR A 206 -10.28 29.35 16.36
CA THR A 206 -10.29 29.24 17.83
C THR A 206 -9.26 30.17 18.49
N LEU A 207 -8.36 30.75 17.70
CA LEU A 207 -7.23 31.51 18.23
C LEU A 207 -7.41 33.04 18.21
N PHE A 208 -8.48 33.50 17.58
CA PHE A 208 -8.75 34.93 17.51
C PHE A 208 -9.94 35.24 18.40
N ASN A 209 -9.68 35.44 19.70
CA ASN A 209 -10.73 35.81 20.67
C ASN A 209 -10.17 36.13 22.07
N GLN A 210 -11.03 36.63 22.96
CA GLN A 210 -10.64 37.10 24.29
C GLN A 210 -10.28 35.96 25.26
N ASN A 211 -11.00 34.84 25.14
CA ASN A 211 -10.71 33.68 25.98
C ASN A 211 -9.34 33.07 25.67
N PHE A 212 -8.98 33.06 24.38
CA PHE A 212 -7.66 32.62 23.97
C PHE A 212 -6.54 33.41 24.65
N TYR A 213 -6.67 34.75 24.68
CA TYR A 213 -5.64 35.60 25.30
C TYR A 213 -5.52 35.44 26.81
N GLU A 214 -6.63 35.09 27.46
CA GLU A 214 -6.65 34.68 28.87
C GLU A 214 -5.81 33.42 29.10
N LYS A 215 -5.99 32.43 28.21
CA LYS A 215 -5.23 31.18 28.28
C LYS A 215 -3.74 31.42 28.06
N ILE A 216 -3.41 32.35 27.16
CA ILE A 216 -2.02 32.73 26.91
C ILE A 216 -1.45 33.41 28.16
N TYR A 217 -2.24 34.33 28.72
CA TYR A 217 -1.84 35.03 29.94
C TYR A 217 -1.51 34.00 31.04
N ASN A 218 -2.41 33.04 31.26
CA ASN A 218 -2.22 32.02 32.28
C ASN A 218 -1.09 31.02 32.01
N ALA A 219 -0.74 30.82 30.74
CA ALA A 219 0.34 29.88 30.38
C ALA A 219 1.71 30.53 30.42
N LEU A 220 1.74 31.84 30.67
CA LEU A 220 3.00 32.57 30.70
C LEU A 220 3.52 32.71 32.12
N LYS A 221 4.84 32.69 32.28
CA LYS A 221 5.50 33.04 33.55
C LYS A 221 5.06 34.46 33.99
N PRO A 222 5.24 34.81 35.29
CA PRO A 222 4.92 36.19 35.75
C PRO A 222 5.52 37.31 34.89
N ASN A 223 6.75 37.11 34.40
CA ASN A 223 7.42 38.10 33.57
C ASN A 223 7.45 37.70 32.07
N GLY A 224 6.46 36.95 31.62
CA GLY A 224 6.50 36.33 30.28
C GLY A 224 6.00 37.21 29.14
N TYR A 225 6.35 36.84 27.92
CA TYR A 225 5.95 37.58 26.71
C TYR A 225 5.22 36.67 25.72
N CYS A 226 4.19 37.21 25.07
CA CYS A 226 3.57 36.59 23.92
C CYS A 226 3.68 37.50 22.71
N VAL A 227 4.10 36.96 21.57
CA VAL A 227 3.91 37.63 20.27
C VAL A 227 2.98 36.80 19.38
N ALA A 228 2.13 37.48 18.62
CA ALA A 228 1.11 36.78 17.83
C ALA A 228 0.95 37.42 16.47
N GLN A 229 0.79 36.59 15.47
CA GLN A 229 0.58 37.05 14.12
C GLN A 229 -0.70 37.88 14.14
N CYS A 230 -0.62 39.09 13.61
CA CYS A 230 -1.72 40.02 13.63
C CYS A 230 -1.78 40.59 12.23
N GLU A 231 -2.95 40.98 11.77
CA GLU A 231 -3.10 41.13 10.33
C GLU A 231 -2.33 42.34 9.72
N SER A 232 -2.55 42.65 8.44
CA SER A 232 -1.88 43.78 7.79
C SER A 232 -2.53 45.13 8.10
N LEU A 233 -1.71 46.11 8.46
CA LEU A 233 -2.23 47.46 8.76
C LEU A 233 -2.99 48.08 7.58
N TRP A 234 -2.65 47.65 6.36
CA TRP A 234 -3.27 48.14 5.15
C TRP A 234 -4.69 47.66 4.90
N ILE A 235 -5.13 46.60 5.59
CA ILE A 235 -6.52 46.12 5.38
C ILE A 235 -7.32 45.75 6.62
N HIS A 236 -6.67 45.36 7.69
CA HIS A 236 -7.40 44.77 8.81
C HIS A 236 -7.43 45.65 10.07
N VAL A 237 -7.68 46.95 9.96
CA VAL A 237 -7.47 47.86 11.11
C VAL A 237 -8.47 47.65 12.26
N GLY A 238 -9.73 47.39 11.91
CA GLY A 238 -10.75 46.98 12.88
C GLY A 238 -10.39 45.73 13.67
N THR A 239 -9.78 44.75 12.99
CA THR A 239 -9.28 43.54 13.63
C THR A 239 -8.11 43.82 14.57
N ILE A 240 -7.15 44.64 14.13
CA ILE A 240 -6.01 45.05 14.94
C ILE A 240 -6.49 45.74 16.21
N LYS A 241 -7.53 46.55 16.06
CA LYS A 241 -8.14 47.25 17.18
C LYS A 241 -8.79 46.27 18.15
N ASN A 242 -9.49 45.28 17.62
CA ASN A 242 -10.11 44.23 18.43
C ASN A 242 -9.10 43.44 19.23
N MET A 243 -8.06 42.95 18.55
CA MET A 243 -7.00 42.16 19.18
C MET A 243 -6.27 42.95 20.26
N ILE A 244 -5.92 44.21 19.97
CA ILE A 244 -5.28 45.07 20.97
C ILE A 244 -6.23 45.23 22.17
N GLY A 245 -7.50 45.48 21.89
CA GLY A 245 -8.52 45.57 22.95
C GLY A 245 -8.57 44.35 23.86
N TYR A 246 -8.56 43.15 23.28
CA TYR A 246 -8.55 41.89 24.05
C TYR A 246 -7.30 41.77 24.89
N ALA A 247 -6.15 42.06 24.27
CA ALA A 247 -4.88 41.95 24.92
C ALA A 247 -4.72 42.92 26.10
N LYS A 248 -5.18 44.15 25.94
CA LYS A 248 -5.03 45.21 26.96
C LYS A 248 -5.86 44.95 28.23
N LYS A 249 -6.86 44.08 28.11
CA LYS A 249 -7.68 43.61 29.23
C LYS A 249 -6.80 42.87 30.25
N LEU A 250 -5.74 42.23 29.76
CA LEU A 250 -4.96 41.29 30.57
C LEU A 250 -3.51 41.71 30.72
N PHE A 251 -2.92 42.16 29.63
CA PHE A 251 -1.51 42.51 29.60
C PHE A 251 -1.32 43.98 29.93
N LYS A 252 -0.28 44.28 30.71
CA LYS A 252 -0.03 45.67 31.09
C LYS A 252 0.72 46.45 30.00
N LYS A 253 1.16 45.77 28.95
CA LYS A 253 1.81 46.44 27.83
C LYS A 253 1.54 45.72 26.52
N VAL A 254 0.75 46.36 25.65
CA VAL A 254 0.40 45.81 24.34
C VAL A 254 0.94 46.71 23.22
N GLU A 255 1.76 46.15 22.34
CA GLU A 255 2.41 46.91 21.28
C GLU A 255 2.20 46.21 19.94
N TYR A 256 2.41 46.94 18.85
CA TYR A 256 2.19 46.40 17.52
C TYR A 256 3.40 46.76 16.66
N ALA A 257 3.95 45.75 16.02
CA ALA A 257 5.09 45.89 15.12
C ALA A 257 4.67 45.43 13.73
N ASN A 258 5.37 45.92 12.70
CA ASN A 258 5.08 45.57 11.32
C ASN A 258 6.30 44.97 10.64
N ILE A 259 6.08 43.97 9.79
CA ILE A 259 7.15 43.25 9.08
C ILE A 259 6.91 43.37 7.58
N SER A 260 7.97 43.58 6.81
CA SER A 260 7.88 43.60 5.35
C SER A 260 8.10 42.21 4.78
N ILE A 261 7.09 41.71 4.07
CA ILE A 261 7.15 40.38 3.48
C ILE A 261 6.23 40.36 2.28
N PRO A 262 6.81 40.26 1.08
CA PRO A 262 6.12 40.46 -0.19
C PRO A 262 5.01 39.45 -0.50
N THR A 263 5.06 38.24 0.07
CA THR A 263 4.07 37.21 -0.28
C THR A 263 2.92 37.10 0.72
N TYR A 264 2.85 38.03 1.67
CA TYR A 264 1.62 38.17 2.45
C TYR A 264 0.80 39.32 1.87
N PRO A 265 -0.55 39.26 1.97
CA PRO A 265 -1.42 40.30 1.42
C PRO A 265 -0.96 41.70 1.83
N CYS A 266 -0.91 42.61 0.86
CA CYS A 266 -0.44 43.98 1.08
C CYS A 266 1.05 44.08 1.40
N GLY A 267 1.78 42.97 1.35
CA GLY A 267 3.24 43.01 1.43
C GLY A 267 3.80 43.23 2.83
N CYS A 268 2.95 43.08 3.84
CA CYS A 268 3.38 43.21 5.21
C CYS A 268 2.43 42.45 6.17
N ILE A 269 2.90 42.21 7.40
CA ILE A 269 2.07 41.58 8.44
C ILE A 269 2.49 42.12 9.81
N GLY A 270 1.54 42.25 10.73
CA GLY A 270 1.87 42.77 12.05
C GLY A 270 2.14 41.71 13.08
N ILE A 271 2.83 42.11 14.15
CA ILE A 271 3.05 41.29 15.34
C ILE A 271 2.32 41.98 16.49
N LEU A 272 1.37 41.28 17.10
CA LEU A 272 0.78 41.75 18.33
C LEU A 272 1.71 41.32 19.47
N CYS A 273 2.31 42.30 20.15
CA CYS A 273 3.30 42.06 21.20
C CYS A 273 2.75 42.35 22.60
N CYS A 274 2.63 41.32 23.44
CA CYS A 274 2.03 41.45 24.77
C CYS A 274 3.03 41.18 25.90
N SER A 275 3.05 42.06 26.89
CA SER A 275 3.95 41.94 28.03
C SER A 275 3.22 42.00 29.36
N LYS A 276 3.76 41.27 30.33
CA LYS A 276 3.21 41.26 31.68
C LYS A 276 3.86 42.34 32.55
N THR A 277 5.08 42.76 32.19
CA THR A 277 5.78 43.83 32.89
C THR A 277 5.57 45.17 32.18
N ASP A 278 6.01 46.25 32.82
CA ASP A 278 5.76 47.62 32.34
C ASP A 278 6.59 47.97 31.11
N THR A 279 7.67 47.23 30.87
CA THR A 279 8.71 47.63 29.92
C THR A 279 8.51 47.31 28.41
N GLY A 280 7.69 46.31 28.09
CA GLY A 280 7.34 45.98 26.69
C GLY A 280 8.44 45.36 25.85
N LEU A 281 8.19 45.28 24.55
CA LEU A 281 9.02 44.50 23.63
C LEU A 281 9.77 45.29 22.56
N THR A 282 9.71 46.62 22.65
CA THR A 282 10.32 47.50 21.63
C THR A 282 11.85 47.57 21.69
N LYS A 283 12.45 47.21 22.82
CA LYS A 283 13.90 47.34 22.98
C LYS A 283 14.59 46.03 23.36
N PRO A 284 15.48 45.51 22.49
CA PRO A 284 16.18 44.28 22.82
C PRO A 284 17.09 44.44 24.05
N ASN A 285 17.28 43.35 24.79
CA ASN A 285 18.13 43.35 25.98
C ASN A 285 19.42 42.63 25.72
N LYS A 286 19.68 42.31 24.46
CA LYS A 286 20.87 41.59 24.07
C LYS A 286 21.10 41.78 22.58
N LYS A 287 22.32 41.52 22.15
CA LYS A 287 22.63 41.48 20.73
C LYS A 287 22.95 40.04 20.34
N LEU A 288 22.60 39.68 19.12
CA LEU A 288 22.78 38.32 18.67
C LEU A 288 24.11 38.18 17.96
N GLU A 289 25.15 37.96 18.75
CA GLU A 289 26.53 38.05 18.27
C GLU A 289 27.27 36.73 18.02
N SER A 290 26.76 35.63 18.58
CA SER A 290 27.40 34.33 18.46
C SER A 290 27.26 33.71 17.06
N LYS A 291 28.04 32.66 16.78
CA LYS A 291 28.07 32.02 15.46
C LYS A 291 26.71 31.51 14.95
N GLU A 292 25.78 31.22 15.87
CA GLU A 292 24.45 30.67 15.51
C GLU A 292 23.61 31.69 14.76
N PHE A 293 23.91 32.97 14.98
CA PHE A 293 23.13 34.07 14.40
C PHE A 293 23.84 34.82 13.28
N ALA A 294 25.04 34.39 12.93
CA ALA A 294 25.81 35.05 11.87
C ALA A 294 24.99 35.17 10.59
N ASP A 295 24.12 34.18 10.36
CA ASP A 295 23.39 34.00 9.10
C ASP A 295 22.03 34.69 8.99
N LEU A 296 21.66 35.50 9.98
CA LEU A 296 20.36 36.18 9.97
C LEU A 296 20.24 37.10 8.75
N LYS A 297 19.06 37.14 8.16
CA LYS A 297 18.89 37.85 6.89
C LYS A 297 17.99 39.09 6.96
N TYR A 298 17.27 39.25 8.05
CA TYR A 298 16.36 40.38 8.22
C TYR A 298 16.57 41.05 9.58
N TYR A 299 16.40 40.30 10.66
CA TYR A 299 16.55 40.86 12.00
C TYR A 299 17.94 41.45 12.28
N ASN A 300 17.92 42.60 12.94
CA ASN A 300 19.08 43.12 13.62
C ASN A 300 18.65 44.05 14.75
N TYR A 301 19.63 44.48 15.56
CA TYR A 301 19.38 45.28 16.76
C TYR A 301 18.51 46.51 16.50
N GLU A 302 18.83 47.23 15.43
CA GLU A 302 18.10 48.45 15.08
C GLU A 302 16.73 48.23 14.42
N ASN A 303 16.59 47.16 13.62
CA ASN A 303 15.31 46.78 13.00
C ASN A 303 14.24 46.45 14.02
N HIS A 304 14.69 45.91 15.15
CA HIS A 304 13.82 45.52 16.23
C HIS A 304 12.93 46.69 16.62
N SER A 305 13.53 47.80 17.05
CA SER A 305 12.75 48.93 17.54
CA SER A 305 12.71 48.91 17.54
C SER A 305 12.01 49.65 16.39
N ALA A 306 12.66 49.67 15.23
CA ALA A 306 12.13 50.35 14.04
C ALA A 306 10.78 49.79 13.62
N ALA A 307 10.59 48.48 13.85
CA ALA A 307 9.39 47.79 13.37
C ALA A 307 8.16 48.27 14.16
N PHE A 308 8.41 48.88 15.32
CA PHE A 308 7.34 49.41 16.17
C PHE A 308 6.96 50.86 15.83
N LYS A 309 7.67 51.45 14.87
CA LYS A 309 7.38 52.83 14.43
C LYS A 309 6.36 52.83 13.29
N LEU A 310 5.10 53.05 13.64
CA LEU A 310 3.98 52.76 12.75
C LEU A 310 3.53 54.01 11.94
N PRO A 311 2.88 53.80 10.78
CA PRO A 311 2.30 54.94 10.04
C PRO A 311 1.27 55.71 10.87
N ALA A 312 1.21 57.02 10.67
CA ALA A 312 0.35 57.92 11.44
C ALA A 312 -1.13 57.53 11.52
N PHE A 313 -1.71 57.07 10.42
CA PHE A 313 -3.13 56.65 10.40
C PHE A 313 -3.44 55.49 11.37
N LEU A 314 -2.49 54.58 11.53
CA LEU A 314 -2.67 53.45 12.43
C LEU A 314 -2.58 53.86 13.90
N LEU A 315 -1.56 54.66 14.24
CA LEU A 315 -1.45 55.21 15.60
C LEU A 315 -2.71 55.94 16.00
N LYS A 316 -3.27 56.70 15.05
CA LYS A 316 -4.50 57.45 15.26
C LYS A 316 -5.65 56.50 15.61
N GLU A 317 -5.71 55.37 14.94
CA GLU A 317 -6.80 54.43 15.13
C GLU A 317 -6.71 53.68 16.46
N ILE A 318 -5.49 53.45 16.93
CA ILE A 318 -5.25 52.61 18.09
C ILE A 318 -4.80 53.43 19.31
N GLU A 319 -5.38 54.62 19.47
CA GLU A 319 -5.04 55.52 20.58
C GLU A 319 -6.02 55.50 21.74
N ASN A 320 -7.31 55.55 21.43
CA ASN A 320 -8.35 55.56 22.47
C ASN A 320 -8.84 54.15 22.85
N ILE A 321 -8.01 53.14 22.57
CA ILE A 321 -8.36 51.74 22.88
C ILE A 321 -8.19 51.45 24.38
N LYS B 41 11.15 6.23 -20.68
CA LYS B 41 10.70 6.12 -19.26
C LYS B 41 11.45 4.98 -18.56
N LYS B 42 11.58 5.06 -17.24
CA LYS B 42 12.36 4.07 -16.51
C LYS B 42 11.47 3.01 -15.82
N TRP B 43 12.09 1.90 -15.46
CA TRP B 43 11.43 0.79 -14.80
C TRP B 43 12.07 0.54 -13.45
N PHE B 44 11.25 0.30 -12.43
CA PHE B 44 11.75 -0.25 -11.19
C PHE B 44 11.80 -1.79 -11.27
N SER B 45 12.94 -2.37 -10.91
CA SER B 45 13.10 -3.82 -10.91
C SER B 45 13.50 -4.37 -9.55
N GLU B 46 12.82 -5.42 -9.13
CA GLU B 46 12.99 -6.00 -7.82
C GLU B 46 13.81 -7.28 -7.98
N PHE B 47 15.07 -7.24 -7.54
CA PHE B 47 15.97 -8.39 -7.53
C PHE B 47 16.22 -8.76 -6.10
N SER B 48 16.44 -10.05 -5.85
CA SER B 48 16.89 -10.48 -4.55
C SER B 48 17.62 -11.82 -4.55
N ILE B 49 18.54 -11.93 -3.60
CA ILE B 49 19.18 -13.19 -3.24
C ILE B 49 18.17 -14.17 -2.65
N MET B 50 17.07 -13.66 -2.08
CA MET B 50 16.01 -14.48 -1.52
C MET B 50 15.16 -15.18 -2.59
N TRP B 51 15.21 -14.69 -3.83
CA TRP B 51 14.52 -15.32 -4.94
C TRP B 51 15.37 -15.19 -6.22
N PRO B 52 16.47 -15.96 -6.29
CA PRO B 52 17.44 -15.74 -7.36
C PRO B 52 16.97 -16.22 -8.72
N GLY B 53 17.47 -15.60 -9.77
CA GLY B 53 17.13 -15.99 -11.13
C GLY B 53 15.76 -15.52 -11.62
N GLN B 54 15.06 -14.72 -10.82
CA GLN B 54 13.84 -14.07 -11.27
C GLN B 54 13.80 -12.60 -10.85
N ALA B 55 13.00 -11.80 -11.53
CA ALA B 55 12.79 -10.42 -11.12
C ALA B 55 11.39 -9.99 -11.56
N PHE B 56 10.88 -8.97 -10.90
CA PHE B 56 9.63 -8.36 -11.29
C PHE B 56 9.87 -6.87 -11.42
N SER B 57 9.23 -6.26 -12.43
CA SER B 57 9.45 -4.86 -12.76
C SER B 57 8.15 -4.12 -12.99
N LEU B 58 8.12 -2.85 -12.59
CA LEU B 58 7.03 -1.94 -12.86
C LEU B 58 7.55 -0.66 -13.49
N LYS B 59 6.88 -0.21 -14.54
CA LYS B 59 7.18 1.07 -15.16
C LYS B 59 6.84 2.22 -14.23
N ILE B 60 7.80 3.13 -14.11
CA ILE B 60 7.70 4.29 -13.25
C ILE B 60 7.10 5.46 -14.03
N LYS B 61 5.99 6.00 -13.55
CA LYS B 61 5.43 7.23 -14.09
C LYS B 61 6.22 8.42 -13.54
N LYS B 62 6.37 8.44 -12.20
CA LYS B 62 7.17 9.46 -11.51
C LYS B 62 7.60 9.02 -10.11
N ILE B 63 8.83 9.39 -9.73
CA ILE B 63 9.34 9.19 -8.37
C ILE B 63 8.75 10.27 -7.47
N LEU B 64 8.19 9.87 -6.34
CA LEU B 64 7.59 10.85 -5.43
C LEU B 64 8.49 11.20 -4.27
N TYR B 65 9.20 10.22 -3.73
CA TYR B 65 10.01 10.43 -2.53
C TYR B 65 11.07 9.36 -2.39
N GLU B 66 12.29 9.77 -2.06
CA GLU B 66 13.35 8.84 -1.71
C GLU B 66 14.11 9.38 -0.51
N THR B 67 14.42 8.50 0.43
CA THR B 67 15.19 8.88 1.62
C THR B 67 15.81 7.66 2.26
N LYS B 68 16.83 7.88 3.08
CA LYS B 68 17.36 6.82 3.88
C LYS B 68 16.99 7.10 5.34
N SER B 69 16.16 6.24 5.92
CA SER B 69 15.80 6.38 7.33
C SER B 69 16.94 5.79 8.19
N LYS B 70 16.81 5.83 9.51
CA LYS B 70 17.78 5.18 10.41
C LYS B 70 17.90 3.69 10.12
N TYR B 71 16.88 3.12 9.49
CA TYR B 71 16.76 1.67 9.37
C TYR B 71 16.82 1.12 7.97
N GLN B 72 16.37 1.89 6.99
CA GLN B 72 16.20 1.37 5.63
C GLN B 72 16.03 2.43 4.56
N ASN B 73 16.28 2.03 3.32
CA ASN B 73 16.06 2.87 2.15
C ASN B 73 14.58 2.86 1.82
N VAL B 74 14.02 4.05 1.62
CA VAL B 74 12.59 4.20 1.43
C VAL B 74 12.36 4.87 0.09
N LEU B 75 11.57 4.22 -0.76
CA LEU B 75 11.27 4.73 -2.09
C LEU B 75 9.77 4.71 -2.30
N VAL B 76 9.22 5.83 -2.75
CA VAL B 76 7.82 5.92 -3.12
C VAL B 76 7.74 6.41 -4.55
N PHE B 77 7.09 5.65 -5.41
CA PHE B 77 6.87 6.10 -6.77
C PHE B 77 5.45 5.83 -7.25
N GLU B 78 4.99 6.62 -8.22
CA GLU B 78 3.79 6.29 -8.94
C GLU B 78 4.19 5.44 -10.13
N SER B 79 3.63 4.23 -10.20
CA SER B 79 3.83 3.37 -11.36
C SER B 79 2.78 3.75 -12.40
N THR B 80 3.00 3.33 -13.65
CA THR B 80 2.03 3.59 -14.72
C THR B 80 0.72 2.81 -14.60
N THR B 81 0.75 1.60 -14.02
CA THR B 81 -0.49 0.80 -13.95
C THR B 81 -0.89 0.20 -12.57
N TYR B 82 -0.04 0.33 -11.54
CA TYR B 82 -0.33 -0.27 -10.22
C TYR B 82 -0.54 0.78 -9.13
N GLY B 83 -0.74 2.03 -9.55
CA GLY B 83 -0.85 3.14 -8.61
C GLY B 83 0.47 3.44 -7.94
N LYS B 84 0.41 3.99 -6.73
CA LYS B 84 1.63 4.29 -5.98
C LYS B 84 2.20 3.03 -5.32
N VAL B 85 3.54 2.98 -5.26
CA VAL B 85 4.28 1.81 -4.84
C VAL B 85 5.19 2.24 -3.69
N LEU B 86 5.24 1.44 -2.64
CA LEU B 86 6.19 1.62 -1.55
C LEU B 86 7.25 0.53 -1.62
N VAL B 87 8.52 0.96 -1.68
CA VAL B 87 9.68 0.06 -1.75
C VAL B 87 10.58 0.29 -0.52
N LEU B 88 10.93 -0.78 0.17
CA LEU B 88 11.79 -0.68 1.34
C LEU B 88 12.96 -1.61 1.11
N ASP B 89 14.17 -1.05 1.17
CA ASP B 89 15.41 -1.79 0.85
C ASP B 89 15.36 -2.54 -0.47
N GLY B 90 14.83 -1.88 -1.50
CA GLY B 90 14.73 -2.49 -2.83
C GLY B 90 13.63 -3.54 -3.01
N VAL B 91 12.83 -3.78 -1.97
CA VAL B 91 11.75 -4.76 -2.02
C VAL B 91 10.39 -4.05 -1.99
N ILE B 92 9.51 -4.37 -2.96
CA ILE B 92 8.14 -3.85 -3.00
C ILE B 92 7.38 -4.29 -1.75
N GLN B 93 6.86 -3.33 -1.01
CA GLN B 93 6.10 -3.61 0.21
C GLN B 93 4.62 -3.54 -0.04
N LEU B 94 4.23 -2.64 -0.95
CA LEU B 94 2.82 -2.52 -1.34
C LEU B 94 2.58 -1.69 -2.57
N THR B 95 1.47 -1.97 -3.25
CA THR B 95 1.00 -1.07 -4.27
C THR B 95 -0.48 -0.83 -4.00
N GLU B 96 -0.97 0.32 -4.43
CA GLU B 96 -2.39 0.62 -4.31
C GLU B 96 -3.28 -0.39 -5.04
N LYS B 97 -2.78 -0.95 -6.14
CA LYS B 97 -3.61 -1.83 -6.97
C LYS B 97 -4.01 -3.10 -6.23
N ASP B 98 -3.10 -3.68 -5.46
CA ASP B 98 -3.37 -5.00 -4.87
C ASP B 98 -3.23 -5.14 -3.33
N GLU B 99 -2.85 -4.08 -2.63
CA GLU B 99 -2.59 -4.19 -1.17
C GLU B 99 -3.77 -4.76 -0.37
N PHE B 100 -4.99 -4.54 -0.87
CA PHE B 100 -6.16 -4.97 -0.12
C PHE B 100 -6.24 -6.50 0.08
N ALA B 101 -5.63 -7.25 -0.82
CA ALA B 101 -5.67 -8.75 -0.79
C ALA B 101 -4.95 -9.23 0.46
N TYR B 102 -3.75 -8.72 0.62
CA TYR B 102 -2.90 -9.03 1.75
C TYR B 102 -3.48 -8.50 3.05
N HIS B 103 -3.88 -7.23 3.07
CA HIS B 103 -4.35 -6.63 4.33
C HIS B 103 -5.66 -7.22 4.83
N GLU B 104 -6.56 -7.49 3.88
CA GLU B 104 -7.84 -8.10 4.19
C GLU B 104 -7.70 -9.53 4.69
N MET B 105 -6.85 -10.32 4.04
CA MET B 105 -6.70 -11.72 4.40
C MET B 105 -5.98 -11.86 5.74
N MET B 106 -4.92 -11.08 5.94
CA MET B 106 -4.19 -11.08 7.20
C MET B 106 -5.06 -10.68 8.38
N THR B 107 -6.01 -9.78 8.17
CA THR B 107 -6.84 -9.27 9.24
C THR B 107 -8.12 -10.06 9.50
N HIS B 108 -8.88 -10.30 8.44
CA HIS B 108 -10.20 -10.90 8.58
C HIS B 108 -10.21 -12.37 8.86
N VAL B 109 -9.12 -13.05 8.49
CA VAL B 109 -8.94 -14.44 8.92
C VAL B 109 -8.96 -14.56 10.47
N PRO B 110 -7.98 -13.95 11.20
CA PRO B 110 -8.13 -14.13 12.65
C PRO B 110 -9.32 -13.40 13.31
N MET B 111 -9.70 -12.26 12.77
CA MET B 111 -10.73 -11.43 13.40
C MET B 111 -12.14 -11.99 13.27
N THR B 112 -12.37 -12.86 12.28
CA THR B 112 -13.66 -13.57 12.16
C THR B 112 -13.72 -14.86 12.99
N VAL B 113 -12.58 -15.34 13.47
CA VAL B 113 -12.53 -16.54 14.31
C VAL B 113 -12.52 -16.14 15.79
N SER B 114 -11.71 -15.14 16.15
CA SER B 114 -11.68 -14.63 17.51
C SER B 114 -13.08 -14.12 17.85
N LYS B 115 -13.61 -14.51 18.99
CA LYS B 115 -15.03 -14.21 19.26
C LYS B 115 -15.31 -12.76 19.62
N GLU B 116 -14.67 -12.30 20.68
CA GLU B 116 -14.90 -10.95 21.17
C GLU B 116 -13.57 -10.26 21.38
N PRO B 117 -12.79 -10.06 20.30
CA PRO B 117 -11.45 -9.53 20.54
C PRO B 117 -11.51 -8.09 21.07
N LYS B 118 -10.78 -7.81 22.14
CA LYS B 118 -10.72 -6.48 22.74
C LYS B 118 -9.37 -5.80 22.54
N ASN B 119 -8.30 -6.59 22.49
CA ASN B 119 -6.96 -6.04 22.40
C ASN B 119 -6.28 -6.72 21.25
N VAL B 120 -5.76 -5.94 20.33
CA VAL B 120 -5.14 -6.51 19.13
C VAL B 120 -3.83 -5.77 18.93
N LEU B 121 -2.79 -6.51 18.54
CA LEU B 121 -1.51 -5.91 18.25
C LEU B 121 -1.05 -6.16 16.83
N VAL B 122 -0.51 -5.11 16.21
CA VAL B 122 0.14 -5.22 14.91
C VAL B 122 1.62 -5.05 15.08
N VAL B 123 2.37 -6.04 14.62
CA VAL B 123 3.84 -6.00 14.61
C VAL B 123 4.30 -5.60 13.22
N GLY B 124 5.13 -4.55 13.14
CA GLY B 124 5.46 -3.90 11.88
C GLY B 124 4.25 -3.13 11.37
N GLY B 125 3.97 -3.25 10.07
CA GLY B 125 2.74 -2.67 9.49
C GLY B 125 2.56 -1.17 9.59
N GLY B 126 3.67 -0.44 9.49
CA GLY B 126 3.70 1.02 9.61
C GLY B 126 2.89 1.74 8.55
N ASP B 127 2.72 1.11 7.38
CA ASP B 127 1.83 1.66 6.36
C ASP B 127 0.38 1.82 6.84
N GLY B 128 -0.03 1.01 7.80
CA GLY B 128 -1.39 1.11 8.41
C GLY B 128 -2.50 0.27 7.80
N GLY B 129 -2.22 -0.46 6.74
CA GLY B 129 -3.26 -1.30 6.09
C GLY B 129 -3.98 -2.24 7.05
N ILE B 130 -3.25 -2.95 7.90
CA ILE B 130 -3.87 -3.84 8.89
C ILE B 130 -4.77 -3.06 9.86
N ILE B 131 -4.23 -1.95 10.37
CA ILE B 131 -4.97 -1.03 11.24
C ILE B 131 -6.28 -0.58 10.57
N ARG B 132 -6.23 -0.21 9.29
CA ARG B 132 -7.45 0.16 8.54
C ARG B 132 -8.52 -0.93 8.61
N GLU B 133 -8.09 -2.18 8.44
CA GLU B 133 -9.07 -3.29 8.47
C GLU B 133 -9.54 -3.61 9.90
N LEU B 134 -8.65 -3.43 10.87
CA LEU B 134 -8.99 -3.64 12.27
C LEU B 134 -9.99 -2.62 12.79
N CYS B 135 -9.88 -1.36 12.35
CA CYS B 135 -10.83 -0.30 12.77
C CYS B 135 -12.29 -0.62 12.44
N LYS B 136 -12.50 -1.50 11.47
CA LYS B 136 -13.84 -1.88 11.02
C LYS B 136 -14.59 -2.66 12.10
N TYR B 137 -13.85 -3.21 13.07
CA TYR B 137 -14.42 -3.96 14.16
C TYR B 137 -14.67 -3.03 15.33
N LYS B 138 -15.94 -2.80 15.61
CA LYS B 138 -16.37 -1.86 16.67
C LYS B 138 -16.15 -2.40 18.10
N SER B 139 -16.09 -3.73 18.23
CA SER B 139 -15.88 -4.43 19.52
C SER B 139 -14.49 -4.22 20.12
N VAL B 140 -13.50 -4.00 19.24
CA VAL B 140 -12.13 -3.86 19.67
C VAL B 140 -11.95 -2.56 20.47
N GLU B 141 -11.27 -2.67 21.61
CA GLU B 141 -11.05 -1.53 22.48
C GLU B 141 -9.71 -0.86 22.25
N ASN B 142 -8.66 -1.66 22.06
CA ASN B 142 -7.30 -1.12 21.87
C ASN B 142 -6.65 -1.74 20.65
N ILE B 143 -6.11 -0.90 19.77
CA ILE B 143 -5.35 -1.39 18.61
C ILE B 143 -3.92 -0.86 18.78
N ASP B 144 -3.05 -1.73 19.25
CA ASP B 144 -1.68 -1.33 19.48
C ASP B 144 -0.90 -1.67 18.23
N ILE B 145 0.03 -0.80 17.86
CA ILE B 145 0.96 -1.11 16.79
C ILE B 145 2.38 -0.82 17.20
N CYS B 146 3.27 -1.77 16.91
CA CYS B 146 4.67 -1.61 17.17
C CYS B 146 5.46 -1.61 15.86
N GLU B 147 5.86 -0.42 15.42
CA GLU B 147 6.62 -0.23 14.18
C GLU B 147 7.97 0.42 14.53
N ILE B 148 9.06 -0.16 14.02
CA ILE B 148 10.41 0.33 14.31
C ILE B 148 10.72 1.69 13.67
N ASP B 149 10.15 1.93 12.48
CA ASP B 149 10.58 3.01 11.60
C ASP B 149 9.46 4.02 11.44
N GLU B 150 9.58 5.10 12.22
CA GLU B 150 8.62 6.19 12.14
C GLU B 150 8.51 6.79 10.75
N THR B 151 9.60 6.75 9.98
CA THR B 151 9.58 7.27 8.61
C THR B 151 8.57 6.54 7.72
N VAL B 152 8.41 5.23 7.93
CA VAL B 152 7.45 4.46 7.13
C VAL B 152 6.04 4.97 7.40
N ILE B 153 5.72 5.21 8.67
CA ILE B 153 4.42 5.76 9.05
C ILE B 153 4.13 7.12 8.40
N GLU B 154 5.07 8.07 8.52
CA GLU B 154 4.89 9.39 7.95
C GLU B 154 4.72 9.39 6.43
N VAL B 155 5.55 8.61 5.75
CA VAL B 155 5.46 8.44 4.29
C VAL B 155 4.10 7.87 3.85
N SER B 156 3.55 6.95 4.65
CA SER B 156 2.22 6.39 4.35
CA SER B 156 2.23 6.39 4.35
C SER B 156 1.10 7.39 4.62
N LYS B 157 1.25 8.20 5.66
CA LYS B 157 0.27 9.24 5.97
C LYS B 157 0.21 10.29 4.86
N ILE B 158 1.35 10.54 4.23
CA ILE B 158 1.45 11.56 3.19
C ILE B 158 1.04 11.06 1.79
N TYR B 159 1.59 9.90 1.38
CA TYR B 159 1.39 9.39 0.01
C TYR B 159 0.35 8.28 -0.15
N PHE B 160 -0.14 7.71 0.96
CA PHE B 160 -1.05 6.55 0.87
C PHE B 160 -2.21 6.71 1.80
N LYS B 161 -3.00 7.77 1.61
CA LYS B 161 -4.07 8.15 2.53
C LYS B 161 -5.16 7.11 2.66
N ASN B 162 -5.42 6.39 1.56
CA ASN B 162 -6.40 5.32 1.56
C ASN B 162 -5.98 4.08 2.33
N ILE B 163 -4.71 4.05 2.71
CA ILE B 163 -4.15 2.94 3.45
C ILE B 163 -3.88 3.36 4.89
N SER B 164 -3.45 4.61 5.09
CA SER B 164 -3.02 5.06 6.41
C SER B 164 -4.14 5.76 7.18
N CYS B 165 -5.36 5.72 6.65
CA CYS B 165 -6.51 6.43 7.26
C CYS B 165 -6.90 5.93 8.66
N GLY B 166 -6.55 4.69 8.98
CA GLY B 166 -6.82 4.11 10.29
C GLY B 166 -6.10 4.77 11.46
N TYR B 167 -4.96 5.41 11.20
CA TYR B 167 -4.22 6.13 12.25
C TYR B 167 -5.05 7.24 12.95
N GLU B 168 -6.12 7.70 12.28
CA GLU B 168 -7.04 8.70 12.81
C GLU B 168 -7.96 8.13 13.88
N ASP B 169 -8.04 6.81 13.98
CA ASP B 169 -8.92 6.16 14.93
C ASP B 169 -8.38 6.32 16.36
N LYS B 170 -9.25 6.72 17.29
CA LYS B 170 -8.83 7.06 18.65
C LYS B 170 -8.33 5.84 19.43
N ARG B 171 -8.74 4.65 19.00
CA ARG B 171 -8.30 3.42 19.66
C ARG B 171 -6.86 3.00 19.29
N VAL B 172 -6.25 3.69 18.33
CA VAL B 172 -4.93 3.29 17.82
C VAL B 172 -3.80 3.86 18.68
N ASN B 173 -2.96 2.96 19.21
CA ASN B 173 -1.78 3.36 19.98
C ASN B 173 -0.51 2.95 19.28
N VAL B 174 0.32 3.93 19.02
CA VAL B 174 1.53 3.72 18.18
C VAL B 174 2.79 3.70 19.05
N PHE B 175 3.55 2.61 18.92
CA PHE B 175 4.81 2.46 19.61
C PHE B 175 5.94 2.37 18.58
N ILE B 176 6.92 3.27 18.70
CA ILE B 176 8.03 3.27 17.78
C ILE B 176 9.13 2.52 18.49
N GLU B 177 9.27 1.25 18.14
CA GLU B 177 10.13 0.36 18.88
C GLU B 177 10.31 -0.92 18.09
N ASP B 178 11.42 -1.62 18.35
CA ASP B 178 11.63 -2.96 17.86
C ASP B 178 10.63 -3.87 18.56
N ALA B 179 9.86 -4.60 17.76
CA ALA B 179 8.84 -5.50 18.26
C ALA B 179 9.40 -6.60 19.16
N SER B 180 10.64 -7.01 18.89
CA SER B 180 11.30 -8.00 19.72
C SER B 180 11.42 -7.52 21.15
N LYS B 181 11.68 -6.21 21.29
CA LYS B 181 11.83 -5.53 22.57
C LYS B 181 10.46 -5.26 23.22
N PHE B 182 9.51 -4.76 22.42
CA PHE B 182 8.14 -4.49 22.89
C PHE B 182 7.51 -5.75 23.46
N LEU B 183 7.70 -6.86 22.77
CA LEU B 183 7.09 -8.13 23.16
C LEU B 183 7.68 -8.81 24.39
N GLU B 184 8.99 -8.61 24.61
CA GLU B 184 9.65 -9.01 25.88
C GLU B 184 8.80 -8.62 27.10
N ASN B 185 8.10 -7.50 26.96
CA ASN B 185 7.41 -6.86 28.05
C ASN B 185 6.00 -7.36 28.33
N VAL B 186 5.24 -7.65 27.27
CA VAL B 186 3.82 -8.01 27.41
C VAL B 186 3.56 -9.52 27.64
N THR B 187 2.63 -9.80 28.55
CA THR B 187 2.19 -11.16 28.76
C THR B 187 0.68 -11.13 28.91
N ASN B 188 -0.02 -12.10 28.33
CA ASN B 188 -1.43 -12.33 28.64
C ASN B 188 -2.34 -11.14 28.34
N THR B 189 -2.11 -10.53 27.19
CA THR B 189 -2.76 -9.28 26.82
C THR B 189 -3.64 -9.36 25.56
N TYR B 190 -3.07 -9.86 24.47
CA TYR B 190 -3.71 -9.72 23.17
C TYR B 190 -4.57 -10.90 22.80
N ASP B 191 -5.73 -10.58 22.22
CA ASP B 191 -6.58 -11.59 21.66
C ASP B 191 -6.10 -12.05 20.31
N VAL B 192 -5.46 -11.13 19.57
CA VAL B 192 -4.90 -11.40 18.25
C VAL B 192 -3.62 -10.61 18.07
N ILE B 193 -2.60 -11.26 17.51
CA ILE B 193 -1.39 -10.58 17.11
C ILE B 193 -1.21 -10.83 15.62
N ILE B 194 -1.01 -9.76 14.86
CA ILE B 194 -0.81 -9.84 13.42
C ILE B 194 0.60 -9.37 13.14
N VAL B 195 1.44 -10.25 12.63
CA VAL B 195 2.82 -9.92 12.31
C VAL B 195 2.94 -9.56 10.83
N ASP B 196 3.05 -8.28 10.59
CA ASP B 196 3.19 -7.69 9.29
C ASP B 196 4.58 -7.14 9.10
N SER B 197 5.55 -8.01 9.05
CA SER B 197 6.91 -7.77 9.01
CA SER B 197 6.87 -7.74 8.92
C SER B 197 7.61 -7.85 7.86
N SER B 198 8.78 -7.29 7.56
CA SER B 198 9.32 -7.34 6.22
C SER B 198 10.01 -8.68 5.91
N ASP B 199 10.84 -8.72 4.89
CA ASP B 199 11.78 -9.81 4.71
C ASP B 199 12.86 -9.88 5.80
N PRO B 200 13.30 -11.08 6.12
CA PRO B 200 14.22 -11.33 7.24
C PRO B 200 15.62 -10.69 7.09
N ILE B 201 15.80 -9.82 6.11
CA ILE B 201 16.99 -8.95 6.05
C ILE B 201 16.60 -7.47 6.07
N GLY B 202 17.24 -6.73 6.97
CA GLY B 202 16.80 -5.40 7.37
C GLY B 202 16.37 -5.47 8.83
N PRO B 203 15.59 -4.49 9.30
CA PRO B 203 15.20 -4.42 10.73
C PRO B 203 14.44 -5.66 11.23
N ALA B 204 13.83 -6.40 10.31
CA ALA B 204 13.00 -7.57 10.62
C ALA B 204 13.76 -8.88 10.92
N GLU B 205 15.09 -8.84 10.86
CA GLU B 205 15.91 -10.03 11.14
C GLU B 205 15.85 -10.46 12.61
N THR B 206 15.45 -9.54 13.48
CA THR B 206 15.25 -9.81 14.90
C THR B 206 13.88 -10.46 15.18
N LEU B 207 13.21 -10.95 14.14
CA LEU B 207 11.86 -11.50 14.26
C LEU B 207 11.66 -12.94 13.78
N PHE B 208 12.54 -13.44 12.91
CA PHE B 208 12.29 -14.74 12.25
C PHE B 208 12.48 -15.97 13.16
N ASN B 209 13.15 -15.78 14.29
CA ASN B 209 13.61 -16.86 15.18
C ASN B 209 12.55 -17.48 16.10
N GLN B 210 12.91 -18.61 16.72
CA GLN B 210 12.06 -19.40 17.61
C GLN B 210 11.69 -18.66 18.89
N ASN B 211 12.58 -17.79 19.34
CA ASN B 211 12.38 -16.98 20.55
C ASN B 211 11.29 -15.91 20.38
N PHE B 212 11.13 -15.42 19.15
CA PHE B 212 10.07 -14.49 18.82
C PHE B 212 8.69 -15.09 19.07
N TYR B 213 8.52 -16.36 18.69
CA TYR B 213 7.24 -17.03 18.85
C TYR B 213 6.90 -17.39 20.28
N GLU B 214 7.92 -17.59 21.13
CA GLU B 214 7.70 -17.77 22.57
C GLU B 214 7.10 -16.51 23.16
N LYS B 215 7.65 -15.39 22.74
CA LYS B 215 7.19 -14.05 23.10
C LYS B 215 5.77 -13.79 22.63
N ILE B 216 5.48 -14.10 21.36
CA ILE B 216 4.11 -14.07 20.82
C ILE B 216 3.17 -14.91 21.69
N TYR B 217 3.56 -16.16 21.92
CA TYR B 217 2.77 -17.10 22.71
C TYR B 217 2.43 -16.49 24.07
N ASN B 218 3.44 -15.94 24.73
CA ASN B 218 3.29 -15.40 26.06
C ASN B 218 2.48 -14.12 26.08
N ALA B 219 2.60 -13.32 25.02
CA ALA B 219 1.87 -12.05 24.89
C ALA B 219 0.38 -12.23 24.60
N LEU B 220 0.01 -13.38 24.03
CA LEU B 220 -1.39 -13.72 23.80
C LEU B 220 -2.14 -14.15 25.07
N LYS B 221 -3.44 -13.90 25.06
CA LYS B 221 -4.38 -14.49 26.00
C LYS B 221 -4.37 -16.02 25.87
N PRO B 222 -4.88 -16.75 26.89
CA PRO B 222 -4.91 -18.22 26.83
C PRO B 222 -5.58 -18.79 25.57
N ASN B 223 -6.52 -18.05 25.00
CA ASN B 223 -7.21 -18.49 23.80
CA ASN B 223 -7.24 -18.46 23.81
C ASN B 223 -6.91 -17.61 22.58
N GLY B 224 -5.77 -16.92 22.60
CA GLY B 224 -5.40 -15.98 21.55
C GLY B 224 -4.84 -16.59 20.27
N TYR B 225 -4.82 -15.77 19.21
CA TYR B 225 -4.36 -16.17 17.89
C TYR B 225 -3.23 -15.29 17.35
N CYS B 226 -2.32 -15.89 16.61
CA CYS B 226 -1.33 -15.11 15.90
C CYS B 226 -1.37 -15.52 14.43
N VAL B 227 -1.34 -14.55 13.55
CA VAL B 227 -1.08 -14.79 12.12
C VAL B 227 0.16 -14.02 11.75
N ALA B 228 0.99 -14.60 10.89
CA ALA B 228 2.25 -13.98 10.52
C ALA B 228 2.51 -14.20 9.03
N GLN B 229 2.99 -13.16 8.36
CA GLN B 229 3.41 -13.24 6.98
C GLN B 229 4.43 -14.38 6.90
N CYS B 230 4.33 -15.25 5.89
CA CYS B 230 5.20 -16.42 5.83
C CYS B 230 5.48 -17.03 4.45
N GLU B 231 6.33 -16.36 3.67
CA GLU B 231 6.97 -16.93 2.47
C GLU B 231 6.00 -17.24 1.34
N SER B 232 6.55 -17.48 0.16
CA SER B 232 5.80 -18.01 -0.96
C SER B 232 6.07 -19.52 -1.10
N LEU B 233 5.00 -20.31 -1.18
CA LEU B 233 5.11 -21.76 -1.38
C LEU B 233 5.83 -22.12 -2.68
N TRP B 234 5.98 -21.16 -3.59
CA TRP B 234 6.69 -21.39 -4.87
C TRP B 234 8.20 -21.23 -4.76
N ILE B 235 8.68 -20.70 -3.64
CA ILE B 235 10.12 -20.50 -3.49
C ILE B 235 10.74 -20.98 -2.18
N HIS B 236 10.04 -20.96 -1.06
CA HIS B 236 10.71 -21.37 0.19
C HIS B 236 9.94 -22.35 1.04
N VAL B 237 9.77 -23.57 0.53
CA VAL B 237 9.07 -24.61 1.27
C VAL B 237 9.83 -25.01 2.54
N GLY B 238 11.17 -25.01 2.47
CA GLY B 238 12.00 -25.36 3.62
C GLY B 238 11.80 -24.43 4.80
N THR B 239 11.77 -23.12 4.51
CA THR B 239 11.45 -22.10 5.50
C THR B 239 10.06 -22.27 6.09
N ILE B 240 9.07 -22.50 5.23
CA ILE B 240 7.70 -22.76 5.66
C ILE B 240 7.64 -23.96 6.62
N LYS B 241 8.29 -25.07 6.26
CA LYS B 241 8.37 -26.22 7.17
C LYS B 241 9.05 -25.84 8.47
N ASN B 242 10.15 -25.10 8.40
CA ASN B 242 10.86 -24.72 9.62
C ASN B 242 9.99 -23.90 10.57
N MET B 243 9.30 -22.90 9.99
CA MET B 243 8.39 -22.05 10.75
C MET B 243 7.22 -22.82 11.36
N ILE B 244 6.61 -23.70 10.57
CA ILE B 244 5.56 -24.57 11.07
C ILE B 244 6.09 -25.45 12.21
N GLY B 245 7.30 -25.98 12.02
CA GLY B 245 8.00 -26.76 13.04
C GLY B 245 8.13 -26.07 14.38
N TYR B 246 8.77 -24.89 14.41
CA TYR B 246 8.89 -24.09 15.63
C TYR B 246 7.53 -23.86 16.29
N ALA B 247 6.60 -23.31 15.51
CA ALA B 247 5.32 -22.87 16.05
C ALA B 247 4.58 -24.02 16.72
N LYS B 248 4.70 -25.21 16.12
CA LYS B 248 4.07 -26.43 16.65
C LYS B 248 4.64 -26.86 18.01
N LYS B 249 5.84 -26.41 18.35
CA LYS B 249 6.41 -26.67 19.68
C LYS B 249 5.61 -25.93 20.74
N LEU B 250 5.05 -24.77 20.36
CA LEU B 250 4.35 -23.87 21.29
C LEU B 250 2.84 -23.92 21.17
N PHE B 251 2.35 -23.86 19.94
CA PHE B 251 0.92 -23.70 19.68
C PHE B 251 0.20 -25.02 19.43
N LYS B 252 -1.02 -25.13 19.96
CA LYS B 252 -1.89 -26.30 19.77
C LYS B 252 -2.23 -26.59 18.30
N LYS B 253 -2.55 -25.55 17.53
CA LYS B 253 -2.84 -25.71 16.11
C LYS B 253 -2.09 -24.68 15.29
N VAL B 254 -1.43 -25.16 14.23
CA VAL B 254 -0.60 -24.35 13.34
C VAL B 254 -1.04 -24.71 11.92
N GLU B 255 -1.46 -23.70 11.17
CA GLU B 255 -2.02 -23.93 9.83
C GLU B 255 -1.39 -22.92 8.88
N TYR B 256 -1.55 -23.14 7.58
CA TYR B 256 -0.93 -22.29 6.61
C TYR B 256 -1.94 -21.95 5.51
N ALA B 257 -2.05 -20.66 5.19
CA ALA B 257 -2.95 -20.18 4.14
C ALA B 257 -2.18 -19.42 3.07
N ASN B 258 -2.72 -19.42 1.85
CA ASN B 258 -2.08 -18.70 0.73
C ASN B 258 -2.95 -17.54 0.22
N ILE B 259 -2.30 -16.43 -0.14
CA ILE B 259 -2.96 -15.22 -0.68
C ILE B 259 -2.42 -14.93 -2.07
N SER B 260 -3.33 -14.66 -3.00
CA SER B 260 -2.97 -14.18 -4.32
C SER B 260 -2.67 -12.69 -4.26
N ILE B 261 -1.44 -12.30 -4.58
CA ILE B 261 -1.04 -10.88 -4.63
C ILE B 261 0.09 -10.73 -5.64
N PRO B 262 -0.20 -10.09 -6.79
CA PRO B 262 0.71 -10.09 -7.93
C PRO B 262 2.06 -9.38 -7.74
N THR B 263 2.14 -8.42 -6.83
CA THR B 263 3.39 -7.65 -6.65
C THR B 263 4.39 -8.19 -5.60
N TYR B 264 4.06 -9.31 -4.98
CA TYR B 264 5.00 -10.05 -4.13
C TYR B 264 5.64 -11.15 -5.00
N PRO B 265 6.89 -11.56 -4.69
CA PRO B 265 7.58 -12.54 -5.55
C PRO B 265 6.76 -13.82 -5.73
N CYS B 266 6.61 -14.26 -6.97
CA CYS B 266 5.83 -15.45 -7.33
C CYS B 266 4.30 -15.22 -7.31
N GLY B 267 3.90 -13.98 -6.99
CA GLY B 267 2.50 -13.59 -7.02
C GLY B 267 1.63 -14.14 -5.91
N CYS B 268 2.25 -14.64 -4.84
CA CYS B 268 1.51 -15.08 -3.65
C CYS B 268 2.37 -14.97 -2.41
N ILE B 269 1.71 -15.01 -1.26
CA ILE B 269 2.37 -14.99 0.03
C ILE B 269 1.53 -15.77 1.01
N GLY B 270 2.16 -16.42 1.97
CA GLY B 270 1.45 -17.27 2.89
C GLY B 270 1.21 -16.64 4.24
N ILE B 271 0.26 -17.19 4.98
CA ILE B 271 0.05 -16.76 6.33
C ILE B 271 0.26 -17.95 7.23
N LEU B 272 1.19 -17.82 8.17
CA LEU B 272 1.34 -18.81 9.20
C LEU B 272 0.30 -18.50 10.29
N CYS B 273 -0.58 -19.45 10.58
CA CYS B 273 -1.72 -19.23 11.48
C CYS B 273 -1.63 -20.06 12.75
N CYS B 274 -1.51 -19.39 13.92
CA CYS B 274 -1.18 -20.07 15.17
C CYS B 274 -2.33 -19.91 16.17
N SER B 275 -2.80 -21.03 16.68
CA SER B 275 -3.93 -21.02 17.62
C SER B 275 -3.54 -21.66 18.94
N LYS B 276 -3.96 -21.03 20.04
CA LYS B 276 -3.70 -21.61 21.36
C LYS B 276 -4.78 -22.62 21.72
N THR B 277 -5.90 -22.55 20.98
CA THR B 277 -6.99 -23.53 21.09
C THR B 277 -6.82 -24.62 20.03
N ASP B 278 -7.49 -25.74 20.17
CA ASP B 278 -7.30 -26.77 19.17
C ASP B 278 -8.27 -26.65 18.02
N THR B 279 -9.18 -25.70 18.11
CA THR B 279 -9.92 -25.26 16.96
C THR B 279 -9.27 -24.54 15.76
N GLY B 280 -8.31 -23.67 15.90
CA GLY B 280 -7.63 -23.25 14.71
C GLY B 280 -8.37 -22.22 13.90
N LEU B 281 -7.89 -21.89 12.72
CA LEU B 281 -8.29 -20.66 12.06
C LEU B 281 -8.95 -20.80 10.70
N THR B 282 -9.25 -22.02 10.29
CA THR B 282 -9.73 -22.29 8.93
C THR B 282 -11.21 -21.98 8.70
N LYS B 283 -11.99 -21.86 9.78
CA LYS B 283 -13.43 -21.68 9.66
C LYS B 283 -13.84 -20.43 10.42
N PRO B 284 -14.48 -19.46 9.73
CA PRO B 284 -14.93 -18.26 10.43
C PRO B 284 -16.13 -18.53 11.34
N ASN B 285 -16.19 -17.80 12.46
CA ASN B 285 -17.26 -17.90 13.45
C ASN B 285 -18.30 -16.79 13.32
N LYS B 286 -18.12 -15.94 12.31
CA LYS B 286 -19.03 -14.83 12.05
C LYS B 286 -18.93 -14.41 10.60
N LYS B 287 -20.01 -13.84 10.10
CA LYS B 287 -20.03 -13.23 8.77
C LYS B 287 -19.88 -11.72 8.92
N LEU B 288 -19.13 -11.13 8.01
CA LEU B 288 -18.90 -9.69 8.05
C LEU B 288 -20.02 -8.97 7.31
N GLU B 289 -21.12 -8.72 8.02
CA GLU B 289 -22.35 -8.23 7.38
C GLU B 289 -22.65 -6.73 7.57
N SER B 290 -22.08 -6.12 8.61
CA SER B 290 -22.28 -4.70 8.87
C SER B 290 -21.65 -3.80 7.82
N LYS B 291 -22.08 -2.53 7.81
CA LYS B 291 -21.74 -1.56 6.77
C LYS B 291 -20.24 -1.28 6.64
N GLU B 292 -19.51 -1.38 7.74
CA GLU B 292 -18.03 -1.23 7.78
C GLU B 292 -17.32 -2.18 6.81
N PHE B 293 -17.95 -3.32 6.54
CA PHE B 293 -17.35 -4.38 5.72
C PHE B 293 -17.87 -4.49 4.29
N ALA B 294 -18.68 -3.51 3.86
CA ALA B 294 -19.34 -3.60 2.54
C ALA B 294 -18.36 -3.33 1.41
N ASP B 295 -17.30 -2.61 1.74
CA ASP B 295 -16.24 -2.22 0.82
C ASP B 295 -15.19 -3.31 0.51
N LEU B 296 -15.28 -4.48 1.15
CA LEU B 296 -14.19 -5.49 1.06
C LEU B 296 -13.99 -5.91 -0.38
N LYS B 297 -12.72 -6.01 -0.80
CA LYS B 297 -12.40 -6.29 -2.17
C LYS B 297 -11.79 -7.66 -2.44
N TYR B 298 -11.43 -8.41 -1.40
CA TYR B 298 -10.90 -9.77 -1.60
C TYR B 298 -11.56 -10.76 -0.67
N TYR B 299 -11.39 -10.54 0.63
CA TYR B 299 -11.95 -11.42 1.65
C TYR B 299 -13.46 -11.60 1.55
N ASN B 300 -13.91 -12.84 1.71
CA ASN B 300 -15.31 -13.15 2.03
C ASN B 300 -15.39 -14.45 2.78
N TYR B 301 -16.59 -14.80 3.26
CA TYR B 301 -16.81 -16.04 4.05
C TYR B 301 -16.25 -17.33 3.41
N GLU B 302 -16.49 -17.49 2.12
CA GLU B 302 -16.06 -18.71 1.45
C GLU B 302 -14.57 -18.75 1.13
N ASN B 303 -13.97 -17.63 0.74
CA ASN B 303 -12.55 -17.75 0.41
C ASN B 303 -11.61 -17.73 1.61
N HIS B 304 -12.16 -17.41 2.78
CA HIS B 304 -11.47 -17.61 4.06
C HIS B 304 -10.97 -19.05 4.18
N SER B 305 -11.85 -20.04 4.01
CA SER B 305 -11.50 -21.45 4.13
CA SER B 305 -11.47 -21.43 4.19
C SER B 305 -10.75 -21.97 2.95
N ALA B 306 -11.10 -21.44 1.78
CA ALA B 306 -10.46 -21.84 0.53
C ALA B 306 -8.94 -21.55 0.54
N ALA B 307 -8.55 -20.43 1.15
CA ALA B 307 -7.14 -20.04 1.28
C ALA B 307 -6.26 -21.10 1.98
N PHE B 308 -6.87 -21.95 2.81
CA PHE B 308 -6.16 -23.04 3.54
C PHE B 308 -6.08 -24.37 2.76
N LYS B 309 -6.64 -24.39 1.54
CA LYS B 309 -6.60 -25.55 0.66
C LYS B 309 -5.39 -25.42 -0.24
N LEU B 310 -4.30 -26.07 0.14
CA LEU B 310 -2.99 -25.84 -0.46
C LEU B 310 -2.66 -26.84 -1.57
N PRO B 311 -1.77 -26.47 -2.51
CA PRO B 311 -1.31 -27.43 -3.52
C PRO B 311 -0.79 -28.71 -2.86
N ALA B 312 -1.08 -29.86 -3.47
CA ALA B 312 -0.69 -31.16 -2.94
C ALA B 312 0.82 -31.29 -2.59
N PHE B 313 1.70 -30.75 -3.42
CA PHE B 313 3.13 -30.82 -3.12
C PHE B 313 3.43 -30.21 -1.73
N LEU B 314 2.82 -29.06 -1.41
CA LEU B 314 3.03 -28.41 -0.12
C LEU B 314 2.47 -29.21 1.04
N LEU B 315 1.25 -29.73 0.87
CA LEU B 315 0.64 -30.57 1.89
C LEU B 315 1.50 -31.79 2.22
N LYS B 316 2.01 -32.45 1.20
CA LYS B 316 2.96 -33.54 1.40
C LYS B 316 4.15 -33.13 2.29
N GLU B 317 4.73 -31.95 2.05
CA GLU B 317 5.87 -31.46 2.82
C GLU B 317 5.54 -31.07 4.27
N ILE B 318 4.32 -30.57 4.51
CA ILE B 318 3.99 -30.03 5.83
C ILE B 318 3.07 -30.93 6.68
N GLU B 319 2.39 -31.87 6.04
CA GLU B 319 1.75 -32.98 6.76
C GLU B 319 2.88 -33.86 7.34
N ASN B 320 3.80 -34.28 6.46
CA ASN B 320 5.00 -35.03 6.84
C ASN B 320 6.30 -34.29 6.51
N LYS C 41 25.29 -12.75 -16.53
CA LYS C 41 24.57 -13.47 -17.65
C LYS C 41 23.61 -12.54 -18.43
N LYS C 42 22.51 -13.11 -18.92
CA LYS C 42 21.50 -12.38 -19.69
C LYS C 42 20.13 -12.76 -19.13
N TRP C 43 19.16 -11.86 -19.25
CA TRP C 43 17.81 -12.05 -18.71
C TRP C 43 16.77 -12.07 -19.82
N PHE C 44 15.80 -12.98 -19.71
CA PHE C 44 14.61 -12.88 -20.55
C PHE C 44 13.54 -12.11 -19.79
N SER C 45 13.03 -11.04 -20.40
CA SER C 45 12.00 -10.22 -19.78
C SER C 45 10.74 -10.24 -20.60
N GLU C 46 9.62 -10.54 -19.94
CA GLU C 46 8.35 -10.73 -20.64
C GLU C 46 7.51 -9.43 -20.70
N PHE C 47 7.80 -8.59 -21.68
CA PHE C 47 7.00 -7.37 -21.90
C PHE C 47 5.85 -7.68 -22.85
N SER C 48 4.70 -7.05 -22.61
CA SER C 48 3.56 -7.18 -23.52
C SER C 48 2.56 -6.08 -23.32
N ILE C 49 1.92 -5.70 -24.42
CA ILE C 49 0.81 -4.75 -24.37
C ILE C 49 -0.39 -5.33 -23.62
N MET C 50 -0.40 -6.66 -23.41
CA MET C 50 -1.49 -7.36 -22.69
C MET C 50 -1.36 -7.24 -21.16
N TRP C 51 -0.17 -6.83 -20.72
CA TRP C 51 0.07 -6.49 -19.31
C TRP C 51 0.98 -5.26 -19.24
N PRO C 52 0.41 -4.09 -19.55
CA PRO C 52 1.19 -2.87 -19.70
C PRO C 52 1.78 -2.41 -18.38
N GLY C 53 3.03 -1.98 -18.41
CA GLY C 53 3.67 -1.41 -17.22
C GLY C 53 4.20 -2.41 -16.21
N GLN C 54 4.22 -3.69 -16.57
CA GLN C 54 4.74 -4.72 -15.68
C GLN C 54 5.54 -5.74 -16.50
N ALA C 55 6.48 -6.43 -15.86
CA ALA C 55 7.26 -7.48 -16.54
C ALA C 55 7.89 -8.41 -15.56
N PHE C 56 7.77 -9.71 -15.83
CA PHE C 56 8.46 -10.72 -15.07
C PHE C 56 9.68 -11.10 -15.90
N SER C 57 10.81 -11.31 -15.24
CA SER C 57 12.07 -11.70 -15.89
C SER C 57 12.62 -12.98 -15.30
N LEU C 58 13.31 -13.76 -16.14
CA LEU C 58 14.00 -14.97 -15.72
C LEU C 58 15.45 -14.90 -16.24
N LYS C 59 16.41 -15.25 -15.39
CA LYS C 59 17.82 -15.29 -15.78
C LYS C 59 18.07 -16.51 -16.68
N ILE C 60 18.79 -16.29 -17.79
CA ILE C 60 19.05 -17.33 -18.79
C ILE C 60 20.35 -18.09 -18.47
N LYS C 61 20.27 -19.41 -18.33
CA LYS C 61 21.47 -20.25 -18.25
C LYS C 61 22.02 -20.45 -19.67
N LYS C 62 21.19 -20.97 -20.57
CA LYS C 62 21.56 -21.01 -21.98
C LYS C 62 20.36 -21.02 -22.91
N ILE C 63 20.51 -20.37 -24.05
CA ILE C 63 19.53 -20.50 -25.13
C ILE C 63 19.72 -21.85 -25.84
N LEU C 64 18.61 -22.58 -25.95
CA LEU C 64 18.63 -23.91 -26.55
C LEU C 64 18.15 -23.90 -27.99
N TYR C 65 17.08 -23.15 -28.27
CA TYR C 65 16.45 -23.18 -29.60
C TYR C 65 15.68 -21.89 -29.88
N GLU C 66 15.82 -21.38 -31.10
CA GLU C 66 15.08 -20.21 -31.58
C GLU C 66 14.75 -20.35 -33.05
N THR C 67 13.49 -20.14 -33.39
CA THR C 67 13.06 -20.17 -34.79
C THR C 67 11.77 -19.40 -34.99
N LYS C 68 11.47 -19.12 -36.26
CA LYS C 68 10.21 -18.55 -36.66
C LYS C 68 9.45 -19.68 -37.38
N SER C 69 8.33 -20.13 -36.81
CA SER C 69 7.53 -21.16 -37.46
C SER C 69 6.61 -20.47 -38.46
N LYS C 70 5.71 -21.22 -39.10
CA LYS C 70 4.71 -20.58 -39.97
C LYS C 70 3.84 -19.57 -39.20
N TYR C 71 3.70 -19.74 -37.89
CA TYR C 71 2.71 -18.96 -37.11
C TYR C 71 3.26 -18.03 -36.03
N GLN C 72 4.39 -18.40 -35.43
CA GLN C 72 4.90 -17.67 -34.27
C GLN C 72 6.41 -17.81 -34.07
N ASN C 73 6.99 -16.87 -33.32
CA ASN C 73 8.37 -16.95 -32.88
C ASN C 73 8.45 -17.90 -31.72
N VAL C 74 9.37 -18.86 -31.83
CA VAL C 74 9.54 -19.93 -30.85
C VAL C 74 10.90 -19.75 -30.18
N LEU C 75 10.91 -19.66 -28.86
CA LEU C 75 12.16 -19.64 -28.10
C LEU C 75 12.12 -20.69 -27.01
N VAL C 76 13.20 -21.47 -26.92
CA VAL C 76 13.42 -22.40 -25.82
C VAL C 76 14.72 -22.00 -25.14
N PHE C 77 14.67 -21.86 -23.82
CA PHE C 77 15.89 -21.62 -23.09
C PHE C 77 15.90 -22.35 -21.76
N GLU C 78 17.11 -22.62 -21.27
CA GLU C 78 17.27 -23.06 -19.90
C GLU C 78 17.46 -21.84 -18.98
N SER C 79 16.60 -21.75 -17.97
CA SER C 79 16.66 -20.67 -17.00
C SER C 79 17.46 -21.19 -15.82
N THR C 80 17.98 -20.28 -14.99
CA THR C 80 18.79 -20.69 -13.86
C THR C 80 18.00 -21.40 -12.74
N THR C 81 16.75 -21.04 -12.53
CA THR C 81 16.03 -21.59 -11.36
C THR C 81 14.63 -22.17 -11.65
N TYR C 82 14.14 -22.04 -12.89
CA TYR C 82 12.84 -22.61 -13.28
C TYR C 82 12.92 -23.74 -14.30
N GLY C 83 14.13 -24.26 -14.54
CA GLY C 83 14.38 -25.25 -15.61
C GLY C 83 14.21 -24.68 -17.00
N LYS C 84 13.89 -25.56 -17.95
CA LYS C 84 13.61 -25.13 -19.31
C LYS C 84 12.29 -24.34 -19.43
N VAL C 85 12.29 -23.40 -20.37
CA VAL C 85 11.21 -22.44 -20.57
C VAL C 85 10.88 -22.41 -22.06
N LEU C 86 9.59 -22.52 -22.37
CA LEU C 86 9.09 -22.33 -23.74
C LEU C 86 8.42 -20.96 -23.86
N VAL C 87 8.89 -20.18 -24.83
CA VAL C 87 8.34 -18.86 -25.13
C VAL C 87 7.76 -18.81 -26.54
N LEU C 88 6.52 -18.32 -26.65
CA LEU C 88 5.88 -18.12 -27.96
C LEU C 88 5.47 -16.65 -28.12
N ASP C 89 5.92 -16.06 -29.22
CA ASP C 89 5.72 -14.63 -29.51
C ASP C 89 6.08 -13.77 -28.32
N GLY C 90 7.17 -14.12 -27.65
CA GLY C 90 7.68 -13.31 -26.54
C GLY C 90 6.93 -13.54 -25.23
N VAL C 91 5.99 -14.49 -25.22
CA VAL C 91 5.19 -14.79 -24.01
C VAL C 91 5.55 -16.17 -23.45
N ILE C 92 5.83 -16.23 -22.15
CA ILE C 92 6.11 -17.49 -21.49
C ILE C 92 4.90 -18.43 -21.55
N GLN C 93 5.13 -19.60 -22.15
CA GLN C 93 4.08 -20.60 -22.30
C GLN C 93 4.14 -21.62 -21.18
N LEU C 94 5.37 -21.98 -20.80
CA LEU C 94 5.59 -22.90 -19.70
C LEU C 94 7.03 -22.92 -19.19
N THR C 95 7.18 -23.35 -17.94
CA THR C 95 8.48 -23.67 -17.39
C THR C 95 8.39 -25.05 -16.77
N GLU C 96 9.51 -25.74 -16.67
CA GLU C 96 9.52 -27.06 -16.07
C GLU C 96 9.07 -27.04 -14.59
N LYS C 97 9.35 -25.94 -13.90
CA LYS C 97 9.18 -25.85 -12.46
C LYS C 97 7.71 -25.85 -12.01
N ASP C 98 6.85 -25.14 -12.73
CA ASP C 98 5.48 -24.93 -12.24
C ASP C 98 4.40 -25.42 -13.20
N GLU C 99 4.79 -26.00 -14.34
CA GLU C 99 3.80 -26.40 -15.36
C GLU C 99 2.71 -27.32 -14.84
N PHE C 100 3.03 -28.17 -13.85
CA PHE C 100 2.06 -29.11 -13.31
C PHE C 100 0.83 -28.42 -12.73
N ALA C 101 0.98 -27.18 -12.22
CA ALA C 101 -0.14 -26.45 -11.60
C ALA C 101 -1.28 -26.26 -12.60
N TYR C 102 -0.90 -25.70 -13.75
CA TYR C 102 -1.81 -25.41 -14.84
C TYR C 102 -2.32 -26.68 -15.50
N HIS C 103 -1.42 -27.59 -15.92
CA HIS C 103 -1.88 -28.79 -16.61
C HIS C 103 -2.84 -29.67 -15.77
N GLU C 104 -2.58 -29.76 -14.47
CA GLU C 104 -3.36 -30.58 -13.56
C GLU C 104 -4.72 -29.95 -13.29
N MET C 105 -4.76 -28.65 -13.07
CA MET C 105 -6.06 -28.01 -12.76
C MET C 105 -6.93 -27.96 -14.03
N MET C 106 -6.32 -27.64 -15.16
CA MET C 106 -7.09 -27.64 -16.43
C MET C 106 -7.67 -28.99 -16.80
N THR C 107 -6.91 -30.06 -16.54
CA THR C 107 -7.34 -31.41 -16.89
C THR C 107 -8.28 -32.00 -15.87
N HIS C 108 -7.91 -31.95 -14.58
CA HIS C 108 -8.61 -32.77 -13.60
C HIS C 108 -9.87 -32.10 -13.06
N VAL C 109 -10.02 -30.80 -13.25
CA VAL C 109 -11.32 -30.17 -12.94
C VAL C 109 -12.45 -30.80 -13.80
N PRO C 110 -12.39 -30.71 -15.14
CA PRO C 110 -13.48 -31.35 -15.91
C PRO C 110 -13.51 -32.90 -15.86
N MET C 111 -12.33 -33.53 -15.83
CA MET C 111 -12.25 -34.99 -15.87
C MET C 111 -12.70 -35.69 -14.59
N THR C 112 -12.72 -34.97 -13.47
CA THR C 112 -13.28 -35.54 -12.26
C THR C 112 -14.77 -35.26 -12.11
N VAL C 113 -15.29 -34.31 -12.88
CA VAL C 113 -16.72 -34.02 -12.87
C VAL C 113 -17.47 -34.91 -13.89
N SER C 114 -16.96 -34.98 -15.13
CA SER C 114 -17.46 -35.92 -16.12
C SER C 114 -17.37 -37.34 -15.53
N LYS C 115 -18.48 -38.07 -15.53
CA LYS C 115 -18.56 -39.38 -14.86
C LYS C 115 -17.77 -40.46 -15.61
N GLU C 116 -18.04 -40.56 -16.92
CA GLU C 116 -17.42 -41.58 -17.75
C GLU C 116 -16.96 -40.96 -19.08
N PRO C 117 -16.02 -39.99 -19.04
CA PRO C 117 -15.54 -39.38 -20.29
C PRO C 117 -14.83 -40.42 -21.14
N LYS C 118 -15.18 -40.51 -22.43
CA LYS C 118 -14.55 -41.48 -23.33
C LYS C 118 -13.77 -40.82 -24.47
N ASN C 119 -14.28 -39.71 -24.99
CA ASN C 119 -13.66 -39.01 -26.11
C ASN C 119 -13.39 -37.58 -25.69
N VAL C 120 -12.13 -37.16 -25.76
CA VAL C 120 -11.74 -35.86 -25.24
C VAL C 120 -10.96 -35.13 -26.31
N LEU C 121 -11.26 -33.83 -26.48
CA LEU C 121 -10.47 -32.98 -27.36
C LEU C 121 -9.64 -31.95 -26.58
N VAL C 122 -8.38 -31.80 -26.99
CA VAL C 122 -7.52 -30.69 -26.57
C VAL C 122 -7.34 -29.74 -27.72
N VAL C 123 -7.69 -28.48 -27.51
CA VAL C 123 -7.48 -27.42 -28.48
C VAL C 123 -6.18 -26.70 -28.10
N GLY C 124 -5.26 -26.53 -29.06
CA GLY C 124 -3.93 -26.01 -28.73
C GLY C 124 -3.17 -27.11 -27.98
N GLY C 125 -2.49 -26.75 -26.89
CA GLY C 125 -1.91 -27.78 -26.02
C GLY C 125 -0.73 -28.52 -26.69
N GLY C 126 -0.13 -27.91 -27.70
CA GLY C 126 1.00 -28.53 -28.43
C GLY C 126 2.11 -29.15 -27.59
N ASP C 127 2.48 -28.47 -26.51
CA ASP C 127 3.45 -29.04 -25.54
C ASP C 127 3.14 -30.46 -25.02
N GLY C 128 1.85 -30.81 -24.94
CA GLY C 128 1.41 -32.13 -24.53
C GLY C 128 0.99 -32.27 -23.07
N GLY C 129 1.10 -31.21 -22.28
CA GLY C 129 0.87 -31.31 -20.84
C GLY C 129 -0.52 -31.81 -20.47
N ILE C 130 -1.55 -31.31 -21.14
CA ILE C 130 -2.93 -31.77 -20.92
C ILE C 130 -3.05 -33.23 -21.34
N ILE C 131 -2.46 -33.58 -22.47
CA ILE C 131 -2.43 -34.98 -22.94
C ILE C 131 -1.86 -35.94 -21.90
N ARG C 132 -0.77 -35.54 -21.25
CA ARG C 132 -0.12 -36.35 -20.21
C ARG C 132 -1.08 -36.62 -19.06
N GLU C 133 -1.79 -35.59 -18.62
CA GLU C 133 -2.73 -35.77 -17.50
C GLU C 133 -3.94 -36.60 -17.90
N LEU C 134 -4.40 -36.42 -19.14
CA LEU C 134 -5.51 -37.20 -19.66
C LEU C 134 -5.19 -38.68 -19.78
N CYS C 135 -3.95 -39.02 -20.15
CA CYS C 135 -3.53 -40.41 -20.34
C CYS C 135 -3.57 -41.21 -19.06
N LYS C 136 -3.59 -40.49 -17.93
CA LYS C 136 -3.67 -41.11 -16.61
C LYS C 136 -5.04 -41.78 -16.35
N TYR C 137 -6.06 -41.35 -17.08
CA TYR C 137 -7.39 -41.98 -17.00
C TYR C 137 -7.40 -43.12 -17.99
N LYS C 138 -7.20 -44.33 -17.47
CA LYS C 138 -7.25 -45.54 -18.28
C LYS C 138 -8.57 -45.77 -19.00
N SER C 139 -9.68 -45.27 -18.43
CA SER C 139 -11.01 -45.46 -19.00
C SER C 139 -11.30 -44.61 -20.25
N VAL C 140 -10.46 -43.59 -20.48
CA VAL C 140 -10.57 -42.77 -21.67
C VAL C 140 -10.24 -43.59 -22.90
N GLU C 141 -11.06 -43.47 -23.94
CA GLU C 141 -10.91 -44.29 -25.13
C GLU C 141 -10.18 -43.57 -26.25
N ASN C 142 -10.36 -42.26 -26.33
CA ASN C 142 -9.78 -41.49 -27.41
C ASN C 142 -9.41 -40.08 -26.99
N ILE C 143 -8.27 -39.62 -27.48
CA ILE C 143 -7.83 -38.24 -27.23
C ILE C 143 -7.45 -37.60 -28.54
N ASP C 144 -8.22 -36.60 -28.97
CA ASP C 144 -7.83 -35.81 -30.12
C ASP C 144 -7.17 -34.54 -29.65
N ILE C 145 -6.12 -34.13 -30.35
CA ILE C 145 -5.55 -32.80 -30.15
C ILE C 145 -5.45 -32.05 -31.46
N CYS C 146 -5.89 -30.81 -31.42
CA CYS C 146 -5.86 -29.91 -32.57
C CYS C 146 -4.98 -28.71 -32.25
N GLU C 147 -3.75 -28.76 -32.76
CA GLU C 147 -2.72 -27.76 -32.54
C GLU C 147 -2.36 -27.19 -33.89
N ILE C 148 -2.32 -25.86 -33.98
CA ILE C 148 -2.11 -25.17 -35.25
C ILE C 148 -0.64 -25.23 -35.73
N ASP C 149 0.30 -25.34 -34.79
CA ASP C 149 1.72 -25.15 -35.10
C ASP C 149 2.50 -26.42 -34.76
N GLU C 150 2.83 -27.22 -35.78
CA GLU C 150 3.54 -28.49 -35.53
C GLU C 150 4.94 -28.31 -34.94
N THR C 151 5.53 -27.14 -35.17
CA THR C 151 6.84 -26.78 -34.57
C THR C 151 6.78 -26.82 -33.05
N VAL C 152 5.63 -26.47 -32.46
CA VAL C 152 5.48 -26.51 -31.02
C VAL C 152 5.52 -27.95 -30.55
N ILE C 153 4.86 -28.86 -31.26
CA ILE C 153 4.95 -30.26 -30.93
C ILE C 153 6.38 -30.81 -31.05
N GLU C 154 7.04 -30.48 -32.16
CA GLU C 154 8.42 -31.00 -32.40
C GLU C 154 9.35 -30.53 -31.28
N VAL C 155 9.34 -29.23 -31.00
CA VAL C 155 10.13 -28.63 -29.92
C VAL C 155 9.83 -29.24 -28.54
N SER C 156 8.56 -29.56 -28.27
CA SER C 156 8.19 -30.16 -27.00
CA SER C 156 8.20 -30.16 -26.99
C SER C 156 8.68 -31.60 -26.88
N LYS C 157 8.75 -32.29 -28.02
CA LYS C 157 9.23 -33.68 -28.01
C LYS C 157 10.74 -33.76 -27.77
N ILE C 158 11.46 -32.76 -28.27
CA ILE C 158 12.91 -32.60 -28.12
C ILE C 158 13.29 -32.13 -26.69
N TYR C 159 12.73 -31.00 -26.24
CA TYR C 159 13.19 -30.30 -25.04
C TYR C 159 12.32 -30.48 -23.80
N PHE C 160 11.13 -31.06 -23.94
CA PHE C 160 10.21 -31.15 -22.79
C PHE C 160 9.61 -32.54 -22.65
N LYS C 161 10.48 -33.56 -22.61
CA LYS C 161 10.04 -34.97 -22.66
C LYS C 161 9.14 -35.40 -21.51
N ASN C 162 9.30 -34.79 -20.34
CA ASN C 162 8.40 -35.03 -19.20
C ASN C 162 7.02 -34.39 -19.34
N ILE C 163 6.89 -33.51 -20.34
CA ILE C 163 5.64 -32.84 -20.66
C ILE C 163 4.97 -33.50 -21.87
N SER C 164 5.76 -33.83 -22.89
CA SER C 164 5.24 -34.39 -24.15
C SER C 164 5.18 -35.94 -24.21
N CYS C 165 5.41 -36.61 -23.09
CA CYS C 165 5.45 -38.08 -23.08
C CYS C 165 4.11 -38.74 -23.49
N GLY C 166 3.00 -38.02 -23.38
CA GLY C 166 1.70 -38.54 -23.78
C GLY C 166 1.50 -38.77 -25.27
N TYR C 167 2.33 -38.15 -26.12
CA TYR C 167 2.21 -38.39 -27.57
C TYR C 167 2.46 -39.86 -27.95
N GLU C 168 3.06 -40.63 -27.04
CA GLU C 168 3.30 -42.07 -27.24
C GLU C 168 2.06 -42.93 -27.01
N ASP C 169 1.08 -42.38 -26.28
CA ASP C 169 -0.13 -43.13 -25.97
C ASP C 169 -0.91 -43.40 -27.26
N LYS C 170 -1.37 -44.65 -27.40
CA LYS C 170 -2.03 -45.11 -28.63
C LYS C 170 -3.40 -44.45 -28.84
N ARG C 171 -3.99 -43.93 -27.76
CA ARG C 171 -5.29 -43.26 -27.83
C ARG C 171 -5.21 -41.85 -28.40
N VAL C 172 -4.00 -41.37 -28.64
CA VAL C 172 -3.77 -39.96 -28.99
C VAL C 172 -3.75 -39.74 -30.50
N ASN C 173 -4.59 -38.82 -30.98
CA ASN C 173 -4.64 -38.48 -32.40
C ASN C 173 -4.36 -37.01 -32.65
N VAL C 174 -3.36 -36.72 -33.47
CA VAL C 174 -2.90 -35.35 -33.66
C VAL C 174 -3.40 -34.77 -34.99
N PHE C 175 -4.01 -33.59 -34.90
CA PHE C 175 -4.50 -32.85 -36.07
C PHE C 175 -3.80 -31.51 -36.08
N ILE C 176 -3.13 -31.20 -37.18
CA ILE C 176 -2.46 -29.90 -37.32
C ILE C 176 -3.33 -28.92 -38.12
N GLU C 177 -4.05 -28.06 -37.39
CA GLU C 177 -5.10 -27.25 -37.98
C GLU C 177 -5.50 -26.13 -37.00
N ASP C 178 -6.02 -25.02 -37.52
CA ASP C 178 -6.67 -24.03 -36.65
C ASP C 178 -7.91 -24.75 -36.10
N ALA C 179 -8.03 -24.83 -34.77
CA ALA C 179 -9.18 -25.52 -34.15
C ALA C 179 -10.52 -24.89 -34.49
N SER C 180 -10.49 -23.64 -34.91
CA SER C 180 -11.69 -22.91 -35.32
C SER C 180 -12.26 -23.53 -36.62
N LYS C 181 -11.36 -24.01 -37.48
CA LYS C 181 -11.75 -24.73 -38.70
C LYS C 181 -12.02 -26.20 -38.43
N PHE C 182 -11.22 -26.81 -37.55
CA PHE C 182 -11.38 -28.21 -37.13
C PHE C 182 -12.79 -28.48 -36.61
N LEU C 183 -13.28 -27.56 -35.78
CA LEU C 183 -14.56 -27.77 -35.14
C LEU C 183 -15.77 -27.44 -36.01
N GLU C 184 -15.53 -26.86 -37.20
CA GLU C 184 -16.62 -26.47 -38.14
C GLU C 184 -17.62 -27.59 -38.34
N ASN C 185 -17.16 -28.79 -38.62
CA ASN C 185 -18.14 -29.84 -38.88
C ASN C 185 -18.07 -31.01 -37.90
N VAL C 186 -17.94 -30.67 -36.62
CA VAL C 186 -17.89 -31.64 -35.54
C VAL C 186 -19.10 -31.42 -34.65
N THR C 187 -19.91 -32.46 -34.49
CA THR C 187 -21.18 -32.40 -33.75
C THR C 187 -21.28 -33.57 -32.79
N ASN C 188 -21.73 -33.31 -31.56
CA ASN C 188 -22.16 -34.38 -30.66
C ASN C 188 -21.10 -35.48 -30.43
N THR C 189 -19.84 -35.06 -30.25
CA THR C 189 -18.68 -35.97 -30.30
C THR C 189 -17.88 -36.10 -28.99
N TYR C 190 -17.60 -34.99 -28.33
CA TYR C 190 -16.71 -34.98 -27.16
C TYR C 190 -17.41 -34.87 -25.83
N ASP C 191 -16.96 -35.68 -24.87
CA ASP C 191 -17.46 -35.55 -23.50
C ASP C 191 -16.85 -34.31 -22.81
N VAL C 192 -15.59 -34.02 -23.13
CA VAL C 192 -14.84 -32.93 -22.56
C VAL C 192 -14.01 -32.27 -23.66
N ILE C 193 -14.04 -30.94 -23.71
CA ILE C 193 -13.09 -30.19 -24.55
C ILE C 193 -12.22 -29.31 -23.65
N ILE C 194 -10.90 -29.31 -23.88
CA ILE C 194 -10.01 -28.51 -23.04
C ILE C 194 -9.30 -27.53 -23.94
N VAL C 195 -9.55 -26.24 -23.75
CA VAL C 195 -8.97 -25.21 -24.60
C VAL C 195 -7.71 -24.65 -23.96
N ASP C 196 -6.57 -25.22 -24.33
CA ASP C 196 -5.31 -24.82 -23.79
C ASP C 196 -4.61 -23.92 -24.80
N SER C 197 -5.04 -22.69 -24.88
CA SER C 197 -4.60 -21.78 -25.91
C SER C 197 -3.55 -20.82 -25.39
N SER C 198 -2.87 -20.20 -26.33
CA SER C 198 -2.05 -19.04 -26.04
C SER C 198 -2.98 -17.83 -25.92
N ASP C 199 -2.40 -16.65 -25.71
CA ASP C 199 -3.16 -15.41 -25.55
C ASP C 199 -3.78 -14.92 -26.87
N PRO C 200 -4.79 -14.02 -26.78
CA PRO C 200 -5.60 -13.56 -27.92
C PRO C 200 -4.83 -12.88 -29.03
N ILE C 201 -3.58 -12.51 -28.78
CA ILE C 201 -2.73 -11.87 -29.77
C ILE C 201 -1.85 -12.96 -30.41
N GLY C 202 -2.01 -13.18 -31.72
CA GLY C 202 -1.39 -14.31 -32.39
C GLY C 202 -2.45 -15.29 -32.90
N PRO C 203 -2.05 -16.53 -33.23
CA PRO C 203 -2.99 -17.50 -33.84
C PRO C 203 -4.19 -17.87 -32.95
N ALA C 204 -4.12 -17.61 -31.65
CA ALA C 204 -5.26 -17.91 -30.78
C ALA C 204 -6.37 -16.86 -30.86
N GLU C 205 -6.16 -15.82 -31.68
CA GLU C 205 -7.19 -14.79 -31.87
C GLU C 205 -8.56 -15.41 -32.25
N THR C 206 -8.52 -16.47 -33.04
CA THR C 206 -9.76 -17.11 -33.53
C THR C 206 -10.49 -17.94 -32.47
N LEU C 207 -9.94 -18.05 -31.25
CA LEU C 207 -10.54 -18.87 -30.18
C LEU C 207 -11.22 -18.01 -29.12
N PHE C 208 -10.97 -16.70 -29.18
CA PHE C 208 -11.48 -15.77 -28.18
C PHE C 208 -12.64 -14.97 -28.76
N ASN C 209 -13.66 -15.68 -29.22
CA ASN C 209 -14.87 -15.04 -29.77
C ASN C 209 -16.10 -15.91 -29.63
N GLN C 210 -17.26 -15.31 -29.85
CA GLN C 210 -18.55 -15.99 -29.67
C GLN C 210 -18.69 -17.20 -30.61
N ASN C 211 -18.29 -17.03 -31.87
CA ASN C 211 -18.36 -18.09 -32.88
C ASN C 211 -17.62 -19.37 -32.47
N PHE C 212 -16.42 -19.23 -31.89
CA PHE C 212 -15.68 -20.42 -31.47
C PHE C 212 -16.46 -21.19 -30.43
N TYR C 213 -17.12 -20.47 -29.53
CA TYR C 213 -17.86 -21.08 -28.46
C TYR C 213 -19.13 -21.77 -28.94
N GLU C 214 -19.72 -21.27 -30.02
CA GLU C 214 -20.84 -21.98 -30.65
C GLU C 214 -20.37 -23.31 -31.19
N LYS C 215 -19.19 -23.32 -31.83
CA LYS C 215 -18.62 -24.58 -32.32
C LYS C 215 -18.25 -25.56 -31.18
N ILE C 216 -17.68 -25.05 -30.08
CA ILE C 216 -17.43 -25.92 -28.90
C ILE C 216 -18.74 -26.48 -28.39
N TYR C 217 -19.75 -25.63 -28.30
CA TYR C 217 -21.03 -26.08 -27.72
C TYR C 217 -21.61 -27.22 -28.56
N ASN C 218 -21.62 -27.04 -29.89
CA ASN C 218 -22.14 -28.04 -30.83
C ASN C 218 -21.35 -29.36 -30.85
N ALA C 219 -20.02 -29.24 -30.77
CA ALA C 219 -19.10 -30.38 -30.79
C ALA C 219 -19.17 -31.26 -29.55
N LEU C 220 -19.58 -30.68 -28.42
CA LEU C 220 -19.76 -31.42 -27.18
C LEU C 220 -21.01 -32.31 -27.19
N LYS C 221 -20.97 -33.40 -26.43
CA LYS C 221 -22.15 -34.25 -26.20
C LYS C 221 -23.18 -33.49 -25.35
N PRO C 222 -24.44 -34.00 -25.24
CA PRO C 222 -25.47 -33.19 -24.57
C PRO C 222 -25.16 -32.85 -23.12
N ASN C 223 -24.38 -33.70 -22.44
CA ASN C 223 -23.92 -33.40 -21.08
C ASN C 223 -22.42 -33.14 -21.01
N GLY C 224 -21.84 -32.63 -22.10
CA GLY C 224 -20.43 -32.35 -22.17
C GLY C 224 -20.00 -31.12 -21.38
N TYR C 225 -18.68 -30.98 -21.21
CA TYR C 225 -18.05 -29.89 -20.46
C TYR C 225 -16.91 -29.29 -21.26
N CYS C 226 -16.71 -27.98 -21.15
CA CYS C 226 -15.55 -27.33 -21.76
C CYS C 226 -14.85 -26.50 -20.68
N VAL C 227 -13.53 -26.54 -20.67
CA VAL C 227 -12.76 -25.57 -19.88
C VAL C 227 -11.79 -24.90 -20.81
N ALA C 228 -11.50 -23.64 -20.54
CA ALA C 228 -10.66 -22.85 -21.41
C ALA C 228 -9.80 -21.91 -20.58
N GLN C 229 -8.56 -21.77 -21.01
CA GLN C 229 -7.64 -20.82 -20.42
C GLN C 229 -8.29 -19.45 -20.51
N CYS C 230 -8.28 -18.72 -19.40
CA CYS C 230 -9.03 -17.45 -19.38
C CYS C 230 -8.36 -16.37 -18.51
N GLU C 231 -7.05 -16.24 -18.69
CA GLU C 231 -6.30 -15.03 -18.35
C GLU C 231 -6.24 -14.73 -16.85
N SER C 232 -5.66 -13.59 -16.48
CA SER C 232 -5.43 -13.29 -15.07
C SER C 232 -6.47 -12.34 -14.51
N LEU C 233 -7.10 -12.71 -13.39
CA LEU C 233 -8.13 -11.84 -12.85
C LEU C 233 -7.58 -10.49 -12.33
N TRP C 234 -6.26 -10.35 -12.19
CA TRP C 234 -5.68 -9.10 -11.67
C TRP C 234 -5.54 -8.02 -12.74
N ILE C 235 -5.56 -8.41 -14.02
CA ILE C 235 -5.36 -7.42 -15.08
C ILE C 235 -6.29 -7.57 -16.27
N HIS C 236 -6.90 -8.73 -16.41
CA HIS C 236 -7.62 -9.06 -17.62
C HIS C 236 -9.13 -9.17 -17.40
N VAL C 237 -9.68 -8.35 -16.50
CA VAL C 237 -11.09 -8.48 -16.17
C VAL C 237 -12.02 -8.21 -17.37
N GLY C 238 -11.67 -7.25 -18.23
CA GLY C 238 -12.39 -7.02 -19.48
C GLY C 238 -12.53 -8.27 -20.36
N THR C 239 -11.42 -8.96 -20.57
CA THR C 239 -11.43 -10.22 -21.32
C THR C 239 -12.25 -11.30 -20.65
N ILE C 240 -12.06 -11.44 -19.34
CA ILE C 240 -12.78 -12.41 -18.55
C ILE C 240 -14.29 -12.21 -18.72
N LYS C 241 -14.74 -10.96 -18.60
CA LYS C 241 -16.17 -10.63 -18.73
C LYS C 241 -16.71 -10.96 -20.13
N ASN C 242 -15.92 -10.66 -21.16
CA ASN C 242 -16.31 -10.94 -22.53
C ASN C 242 -16.47 -12.44 -22.75
N MET C 243 -15.50 -13.22 -22.25
CA MET C 243 -15.51 -14.67 -22.44
C MET C 243 -16.63 -15.34 -21.67
N ILE C 244 -16.84 -14.93 -20.43
CA ILE C 244 -18.00 -15.43 -19.67
C ILE C 244 -19.31 -15.10 -20.41
N GLY C 245 -19.40 -13.88 -20.93
CA GLY C 245 -20.57 -13.44 -21.70
C GLY C 245 -20.85 -14.33 -22.89
N TYR C 246 -19.82 -14.65 -23.68
CA TYR C 246 -19.99 -15.57 -24.82
C TYR C 246 -20.45 -16.96 -24.41
N ALA C 247 -19.89 -17.50 -23.34
CA ALA C 247 -20.22 -18.86 -22.92
C ALA C 247 -21.65 -18.88 -22.35
N LYS C 248 -22.03 -17.80 -21.68
CA LYS C 248 -23.34 -17.69 -21.02
C LYS C 248 -24.56 -17.67 -21.98
N LYS C 249 -24.35 -17.21 -23.21
CA LYS C 249 -25.35 -17.27 -24.29
C LYS C 249 -25.68 -18.70 -24.67
N LEU C 250 -24.75 -19.62 -24.40
CA LEU C 250 -24.86 -21.03 -24.83
C LEU C 250 -25.06 -22.05 -23.71
N PHE C 251 -24.20 -22.01 -22.69
CA PHE C 251 -24.17 -23.03 -21.63
C PHE C 251 -25.07 -22.66 -20.45
N LYS C 252 -25.73 -23.66 -19.87
CA LYS C 252 -26.57 -23.48 -18.67
C LYS C 252 -25.80 -22.98 -17.43
N LYS C 253 -24.55 -23.42 -17.31
CA LYS C 253 -23.75 -23.08 -16.13
C LYS C 253 -22.33 -22.68 -16.57
N VAL C 254 -21.90 -21.48 -16.15
CA VAL C 254 -20.61 -20.92 -16.54
C VAL C 254 -19.93 -20.40 -15.27
N GLU C 255 -18.73 -20.91 -15.01
CA GLU C 255 -18.02 -20.67 -13.75
C GLU C 255 -16.59 -20.31 -14.07
N TYR C 256 -15.86 -19.82 -13.07
CA TYR C 256 -14.50 -19.32 -13.26
C TYR C 256 -13.69 -19.78 -12.06
N ALA C 257 -12.52 -20.37 -12.35
CA ALA C 257 -11.64 -20.88 -11.32
C ALA C 257 -10.25 -20.27 -11.51
N ASN C 258 -9.55 -20.06 -10.39
CA ASN C 258 -8.21 -19.49 -10.40
C ASN C 258 -7.11 -20.52 -10.03
N ILE C 259 -5.96 -20.40 -10.67
CA ILE C 259 -4.80 -21.27 -10.46
C ILE C 259 -3.57 -20.41 -10.08
N SER C 260 -2.84 -20.81 -9.02
CA SER C 260 -1.62 -20.13 -8.62
C SER C 260 -0.49 -20.71 -9.46
N ILE C 261 0.14 -19.85 -10.25
CA ILE C 261 1.28 -20.25 -11.10
C ILE C 261 2.22 -19.05 -11.35
N PRO C 262 3.44 -19.09 -10.79
CA PRO C 262 4.29 -17.87 -10.75
C PRO C 262 4.82 -17.35 -12.08
N THR C 263 4.81 -18.16 -13.14
CA THR C 263 5.43 -17.73 -14.40
C THR C 263 4.41 -17.25 -15.43
N TYR C 264 3.17 -17.09 -15.02
CA TYR C 264 2.17 -16.37 -15.81
C TYR C 264 1.95 -14.98 -15.17
N PRO C 265 1.65 -13.94 -15.99
CA PRO C 265 1.57 -12.54 -15.51
C PRO C 265 0.62 -12.45 -14.30
N CYS C 266 1.07 -11.78 -13.23
CA CYS C 266 0.30 -11.65 -11.99
C CYS C 266 0.30 -12.92 -11.12
N GLY C 267 0.99 -13.96 -11.58
CA GLY C 267 1.16 -15.18 -10.79
C GLY C 267 -0.05 -16.07 -10.71
N CYS C 268 -1.03 -15.86 -11.58
CA CYS C 268 -2.22 -16.70 -11.62
C CYS C 268 -2.82 -16.66 -13.00
N ILE C 269 -3.62 -17.68 -13.31
CA ILE C 269 -4.37 -17.72 -14.53
C ILE C 269 -5.69 -18.42 -14.25
N GLY C 270 -6.74 -18.05 -14.97
CA GLY C 270 -8.09 -18.56 -14.68
C GLY C 270 -8.55 -19.61 -15.67
N ILE C 271 -9.58 -20.36 -15.29
CA ILE C 271 -10.20 -21.35 -16.15
C ILE C 271 -11.64 -20.97 -16.35
N LEU C 272 -12.06 -20.73 -17.59
CA LEU C 272 -13.48 -20.57 -17.87
C LEU C 272 -14.10 -21.95 -17.91
N CYS C 273 -15.12 -22.20 -17.09
CA CYS C 273 -15.66 -23.55 -16.94
C CYS C 273 -17.12 -23.61 -17.40
N CYS C 274 -17.38 -24.38 -18.46
CA CYS C 274 -18.69 -24.37 -19.10
C CYS C 274 -19.37 -25.74 -19.00
N SER C 275 -20.60 -25.75 -18.49
CA SER C 275 -21.37 -26.98 -18.34
C SER C 275 -22.72 -26.85 -19.04
N LYS C 276 -23.12 -27.92 -19.72
CA LYS C 276 -24.41 -27.93 -20.41
C LYS C 276 -25.54 -28.27 -19.44
N THR C 277 -25.18 -28.95 -18.35
CA THR C 277 -26.11 -29.29 -17.28
C THR C 277 -26.24 -28.16 -16.26
N ASP C 278 -27.18 -28.33 -15.35
CA ASP C 278 -27.52 -27.34 -14.34
C ASP C 278 -26.48 -27.34 -13.21
N THR C 279 -25.77 -28.44 -13.04
CA THR C 279 -24.83 -28.60 -11.96
C THR C 279 -23.39 -27.98 -12.02
N GLY C 280 -22.81 -27.79 -13.17
CA GLY C 280 -21.51 -27.15 -13.19
C GLY C 280 -20.33 -27.99 -12.77
N LEU C 281 -19.23 -27.34 -12.45
CA LEU C 281 -17.93 -27.97 -12.43
C LEU C 281 -17.18 -27.90 -11.10
N THR C 282 -17.82 -27.38 -10.08
CA THR C 282 -17.16 -27.09 -8.80
C THR C 282 -17.08 -28.29 -7.87
N LYS C 283 -17.80 -29.36 -8.16
CA LYS C 283 -17.84 -30.54 -7.28
C LYS C 283 -17.47 -31.79 -8.06
N PRO C 284 -16.29 -32.37 -7.74
CA PRO C 284 -15.84 -33.62 -8.38
C PRO C 284 -16.77 -34.80 -8.08
N ASN C 285 -16.89 -35.71 -9.04
CA ASN C 285 -17.70 -36.92 -8.88
C ASN C 285 -16.83 -38.14 -8.64
N LYS C 286 -15.52 -37.89 -8.55
CA LYS C 286 -14.55 -38.95 -8.28
C LYS C 286 -13.32 -38.33 -7.62
N LYS C 287 -12.47 -39.19 -7.05
CA LYS C 287 -11.23 -38.75 -6.43
C LYS C 287 -10.09 -39.46 -7.14
N LEU C 288 -8.95 -38.79 -7.20
CA LEU C 288 -7.79 -39.30 -7.93
C LEU C 288 -6.79 -39.94 -6.97
N GLU C 289 -7.03 -41.21 -6.65
CA GLU C 289 -6.36 -41.88 -5.52
C GLU C 289 -5.53 -43.08 -5.95
N SER C 290 -5.81 -43.58 -7.15
CA SER C 290 -5.16 -44.76 -7.71
C SER C 290 -3.73 -44.44 -8.07
N LYS C 291 -2.97 -45.50 -8.36
CA LYS C 291 -1.54 -45.42 -8.68
C LYS C 291 -1.21 -44.44 -9.81
N GLU C 292 -2.08 -44.34 -10.80
CA GLU C 292 -1.88 -43.43 -11.95
C GLU C 292 -1.79 -41.95 -11.55
N PHE C 293 -2.37 -41.58 -10.41
CA PHE C 293 -2.42 -40.18 -9.97
C PHE C 293 -1.56 -39.93 -8.74
N ALA C 294 -0.76 -40.92 -8.35
CA ALA C 294 0.22 -40.79 -7.24
C ALA C 294 1.20 -39.62 -7.40
N ASP C 295 1.47 -39.24 -8.65
CA ASP C 295 2.44 -38.19 -8.92
C ASP C 295 1.85 -36.76 -8.92
N LEU C 296 0.57 -36.59 -8.55
CA LEU C 296 -0.06 -35.25 -8.63
C LEU C 296 0.58 -34.27 -7.63
N LYS C 297 0.94 -33.08 -8.12
CA LYS C 297 1.67 -32.08 -7.32
C LYS C 297 0.89 -30.80 -6.99
N TYR C 298 -0.30 -30.63 -7.56
CA TYR C 298 -1.14 -29.46 -7.26
C TYR C 298 -2.58 -29.91 -6.98
N TYR C 299 -3.26 -30.48 -8.00
CA TYR C 299 -4.67 -30.87 -7.85
C TYR C 299 -4.92 -31.85 -6.67
N ASN C 300 -5.96 -31.58 -5.89
CA ASN C 300 -6.59 -32.60 -5.05
C ASN C 300 -8.08 -32.33 -4.90
N TYR C 301 -8.80 -33.27 -4.31
CA TYR C 301 -10.26 -33.14 -4.09
C TYR C 301 -10.70 -31.77 -3.50
N GLU C 302 -10.01 -31.35 -2.44
CA GLU C 302 -10.37 -30.10 -1.75
C GLU C 302 -9.97 -28.86 -2.51
N ASN C 303 -8.81 -28.88 -3.16
CA ASN C 303 -8.37 -27.76 -4.01
C ASN C 303 -9.25 -27.51 -5.22
N HIS C 304 -9.84 -28.58 -5.75
CA HIS C 304 -10.84 -28.50 -6.80
C HIS C 304 -11.91 -27.44 -6.48
N SER C 305 -12.68 -27.65 -5.41
CA SER C 305 -13.75 -26.72 -5.07
C SER C 305 -13.20 -25.36 -4.65
N ALA C 306 -12.05 -25.34 -3.95
CA ALA C 306 -11.42 -24.06 -3.51
C ALA C 306 -11.07 -23.10 -4.63
N ALA C 307 -10.58 -23.62 -5.76
CA ALA C 307 -10.28 -22.83 -6.95
C ALA C 307 -11.36 -21.89 -7.42
N PHE C 308 -12.62 -22.23 -7.15
CA PHE C 308 -13.78 -21.45 -7.61
C PHE C 308 -14.22 -20.38 -6.60
N LYS C 309 -13.57 -20.36 -5.45
CA LYS C 309 -13.79 -19.31 -4.44
C LYS C 309 -12.98 -18.03 -4.74
N LEU C 310 -13.60 -17.09 -5.45
CA LEU C 310 -12.90 -15.98 -6.08
C LEU C 310 -12.87 -14.76 -5.17
N PRO C 311 -11.88 -13.85 -5.37
CA PRO C 311 -11.83 -12.59 -4.60
C PRO C 311 -13.11 -11.79 -4.81
N ALA C 312 -13.60 -11.18 -3.74
CA ALA C 312 -14.80 -10.33 -3.79
C ALA C 312 -14.90 -9.37 -5.00
N PHE C 313 -13.81 -8.66 -5.35
CA PHE C 313 -13.90 -7.70 -6.47
C PHE C 313 -14.21 -8.37 -7.82
N LEU C 314 -13.76 -9.60 -8.01
CA LEU C 314 -14.01 -10.25 -9.29
C LEU C 314 -15.48 -10.70 -9.31
N LEU C 315 -15.97 -11.18 -8.18
CA LEU C 315 -17.38 -11.56 -8.08
C LEU C 315 -18.28 -10.38 -8.47
N LYS C 316 -17.94 -9.17 -8.04
CA LYS C 316 -18.73 -7.98 -8.38
C LYS C 316 -18.65 -7.59 -9.85
N GLU C 317 -17.49 -7.81 -10.46
CA GLU C 317 -17.31 -7.56 -11.88
C GLU C 317 -18.13 -8.52 -12.74
N ILE C 318 -18.14 -9.79 -12.34
CA ILE C 318 -18.86 -10.87 -13.01
C ILE C 318 -20.39 -10.65 -12.98
N GLU C 319 -20.87 -10.02 -11.91
CA GLU C 319 -22.27 -9.60 -11.81
C GLU C 319 -22.64 -8.58 -12.90
N ASN C 320 -21.66 -7.87 -13.46
CA ASN C 320 -21.91 -6.83 -14.45
C ASN C 320 -21.76 -7.31 -15.90
N ILE C 321 -21.93 -8.60 -16.11
CA ILE C 321 -21.72 -9.20 -17.45
C ILE C 321 -23.00 -9.24 -18.29
CA S4M D . 4.70 29.71 8.70
N S4M D . 5.39 30.03 9.95
CB S4M D . 3.50 30.63 8.54
CG S4M D . 2.13 29.94 8.74
SD S4M D . 2.01 28.35 9.66
CE S4M D . 2.13 27.16 8.32
C5' S4M D . 0.25 28.20 10.23
C4' S4M D . -0.10 26.95 11.08
O4' S4M D . -1.03 27.16 12.18
C1' S4M D . -1.69 25.90 12.34
C2' S4M D . -2.09 25.58 10.91
O2' S4M D . -2.40 24.19 10.81
C3' S4M D . -0.79 25.94 10.17
O3' S4M D . 0.04 24.79 10.12
N9 S4M D . -2.92 26.03 13.15
C8 S4M D . -4.08 26.60 12.76
N7 S4M D . -4.97 26.55 13.75
C5 S4M D . -4.37 25.94 14.78
C6 S4M D . -4.81 25.60 16.05
N6 S4M D . -6.06 25.90 16.46
C4 S4M D . -3.08 25.59 14.39
N3 S4M D . -2.27 24.97 15.26
C2 S4M D . -2.72 24.66 16.47
N1 S4M D . -3.95 24.96 16.87
C2 1PG E . -0.69 34.95 -17.27
C1 1PG E . 0.52 36.14 -18.91
O1 1PG E . -0.50 35.18 -18.67
O2 1PG E . -2.34 34.67 -15.54
C3 1PG E . -2.18 34.82 -16.95
C4 1PG E . -3.41 35.48 -15.03
C5 1PG E . -3.11 35.84 -13.58
O3 1PG E . -4.31 35.81 -12.84
C6 1PG E . -4.53 37.02 -12.12
C7 1PG E . -5.82 36.88 -11.32
O4 1PG E . -6.93 37.38 -12.08
C8 1PG E . -7.67 36.33 -12.70
C9 1PG E . -9.15 36.50 -12.43
O5 1PG E . -9.86 35.35 -12.89
C10 1PG E . -10.68 34.78 -11.86
C11 1PG E . -11.00 33.33 -12.17
O6 1PG E . -11.69 32.76 -11.05
C1 GOL F . 17.62 37.40 0.76
O1 GOL F . 18.87 36.77 0.65
C2 GOL F . 17.05 37.78 -0.61
O2 GOL F . 17.46 36.83 -1.58
C3 GOL F . 15.53 37.80 -0.57
O3 GOL F . 15.04 38.50 -1.69
CA S4M G . 2.35 -4.50 3.94
N S4M G . 1.74 -3.83 5.10
CB S4M G . 3.78 -4.02 3.77
CG S4M G . 4.68 -4.55 4.89
SD S4M G . 5.02 -3.33 6.24
CE S4M G . 5.39 -1.81 5.35
C5' S4M G . 6.66 -3.85 6.95
C4' S4M G . 7.06 -3.08 8.23
O4' S4M G . 7.69 -3.87 9.26
C1' S4M G . 8.54 -2.94 9.95
C2' S4M G . 9.25 -2.25 8.78
O2' S4M G . 9.82 -0.99 9.18
C3' S4M G . 8.11 -2.05 7.79
O3' S4M G . 7.52 -0.76 7.96
N9 S4M G . 9.52 -3.66 10.83
C8 S4M G . 10.58 -4.35 10.40
N7 S4M G . 11.23 -4.87 11.44
C5 S4M G . 10.58 -4.50 12.55
C6 S4M G . 10.81 -4.73 13.92
N6 S4M G . 11.86 -5.46 14.32
C4 S4M G . 9.49 -3.73 12.16
N3 S4M G . 8.68 -3.23 13.11
C2 S4M G . 8.90 -3.49 14.40
N1 S4M G . 9.94 -4.21 14.81
C1 GOL H . -7.66 -5.08 -8.85
O1 GOL H . -6.99 -5.16 -10.09
C2 GOL H . -9.07 -4.57 -9.08
O2 GOL H . -9.02 -3.57 -10.08
C3 GOL H . -9.65 -4.02 -7.77
O3 GOL H . -11.02 -3.74 -7.87
CA S4M I . 0.63 -24.52 -21.62
N S4M I . 0.24 -25.84 -22.14
CB S4M I . 0.52 -23.52 -22.75
CG S4M I . 1.54 -23.91 -23.82
SD S4M I . 0.85 -24.52 -25.41
CE S4M I . 2.46 -24.39 -26.19
C5' S4M I . -0.24 -23.27 -26.30
C4' S4M I . -0.73 -23.62 -27.80
O4' S4M I . -1.99 -23.06 -28.43
C1' S4M I . -1.74 -23.13 -29.86
C2' S4M I . -0.36 -22.47 -29.94
O2' S4M I . 0.30 -22.77 -31.18
C3' S4M I . 0.37 -23.12 -28.74
O3' S4M I . 1.11 -24.28 -29.12
N9 S4M I . -2.77 -22.44 -30.69
C8 S4M I . -2.88 -21.10 -30.82
N7 S4M I . -3.88 -20.81 -31.63
C5 S4M I . -4.45 -21.96 -32.02
C6 S4M I . -5.53 -22.24 -32.86
N6 S4M I . -6.22 -21.26 -33.44
C4 S4M I . -3.75 -23.00 -31.43
N3 S4M I . -4.12 -24.27 -31.69
C2 S4M I . -5.17 -24.53 -32.48
N1 S4M I . -5.86 -23.53 -33.06
C2 1PG J . 10.69 -1.70 -23.88
C1 1PG J . 8.61 -1.28 -22.82
O1 1PG J . 9.42 -2.23 -23.52
O2 1PG J . 12.43 -1.51 -22.23
C3 1PG J . 11.79 -2.43 -23.12
C4 1PG J . 12.38 -1.97 -20.89
C5 1PG J . 13.76 -1.87 -20.23
O3 1PG J . 13.62 -2.09 -18.84
C6 1PG J . 14.07 -3.39 -18.45
C7 1PG J . 13.28 -3.85 -17.25
O4 1PG J . 13.54 -5.24 -16.98
C8 1PG J . 14.81 -5.44 -16.38
C9 1PG J . 14.98 -6.87 -15.93
O5 1PG J . 16.33 -7.07 -15.49
C10 1PG J . 17.28 -6.96 -16.54
C11 1PG J . 18.63 -7.45 -16.04
O6 1PG J . 19.55 -6.36 -15.97
C1 GOL K . 7.17 -28.90 -6.99
O1 GOL K . 7.45 -30.03 -6.20
C2 GOL K . 7.88 -27.69 -6.40
O2 GOL K . 9.25 -27.84 -6.63
C3 GOL K . 7.45 -26.42 -7.13
O3 GOL K . 8.11 -25.32 -6.58
#